data_1J3I
#
_entry.id   1J3I
#
_cell.length_a   59.117
_cell.length_b   157.249
_cell.length_c   165.443
_cell.angle_alpha   90.00
_cell.angle_beta   90.00
_cell.angle_gamma   90.00
#
_symmetry.space_group_name_H-M   'P 21 21 21'
#
loop_
_entity.id
_entity.type
_entity.pdbx_description
1 polymer 'Bifunctional dihydrofolate reductase-thymidylate synthase'
2 polymer 'Bifunctional dihydrofolate reductase-thymidylate synthase'
3 non-polymer 6,6-DIMETHYL-1-[3-(2,4,5-TRICHLOROPHENOXY)PROPOXY]-1,6-DIHYDRO-1,3,5-TRIAZINE-2,4-DIAMINE
4 non-polymer 'NADPH DIHYDRO-NICOTINAMIDE-ADENINE-DINUCLEOTIDE PHOSPHATE'
5 non-polymer "2'-DEOXYURIDINE 5'-MONOPHOSPHATE"
6 water water
#
loop_
_entity_poly.entity_id
_entity_poly.type
_entity_poly.pdbx_seq_one_letter_code
_entity_poly.pdbx_strand_id
1 'polypeptide(L)'
;MMEQVCDVFDIYAICACCKVESKNEGKKNEVFNNYTFRGLGNKGVLPWKCNSLDMKYFCAVTTYVNESKYEKLKYKRCKY
LNKETVDNVNDMPNSKKLQNVVVMGRTSWESIPKKFKPLSNRINVILSRTLKKEDFDEDVYIINKVEDLIVLLGKLNYYK
CFIIGGSVVYQEFLEKKLIKKIYFTRINSTYECDVFFPEINENEYQIISVSDVYTSNNTTLDFIIYKKTNNKMLNEQNCI
KGEEKNNDMPLKNDDKDTCHMKKLTEFYKNVDKYKINYEN
;
A,B
2 'polypeptide(L)'
;DDDDEEEDDFVYFNFNKEKEEKNKNSIHPNDFQIYNSLKYKYHPEYQYLNIIYDIMMNGNKQSDRTGVGVLSKFGYIMKF
DLSQYFPLLTTKKLFLRGIIEELLWFIRGETNGNTLLNKNVRIWEANGTREFLDNRKLFHREVNDLGPIYGFQWRHFGAE
YTNMYDNYENKGVDQLKNIINLIKNDPTSRRILLCAWNVKDLDQMALPPCHILCQFYVFDGKLSCIMYQRSCDLGLGVPF
NIASYSIFTHMIAQVCNLQPAQFIHVLGNAHVYNNHIDSLKIQLNRIPYPFPTLKLNPDIKNIEDFTISDFTIQNYVHHE
KISMDMAA
;
C,D
#
loop_
_chem_comp.id
_chem_comp.type
_chem_comp.name
_chem_comp.formula
NDP non-polymer 'NADPH DIHYDRO-NICOTINAMIDE-ADENINE-DINUCLEOTIDE PHOSPHATE' 'C21 H30 N7 O17 P3'
UMP non-polymer '2'-DEOXYURIDINE 5'-MONOPHOSPHATE' 'C9 H13 N2 O8 P'
WRA non-polymer 6,6-DIMETHYL-1-[3-(2,4,5-TRICHLOROPHENOXY)PROPOXY]-1,6-DIHYDRO-1,3,5-TRIAZINE-2,4-DIAMINE 'C14 H18 Cl3 N5 O2'
#
# COMPACT_ATOMS: atom_id res chain seq x y z
N MET A 1 -33.74 -25.59 -6.15
CA MET A 1 -34.29 -26.69 -7.00
C MET A 1 -33.12 -27.42 -7.67
N MET A 2 -33.43 -28.28 -8.66
CA MET A 2 -32.39 -29.04 -9.37
C MET A 2 -31.27 -28.13 -9.90
N GLU A 3 -30.11 -28.73 -10.15
CA GLU A 3 -28.95 -28.00 -10.63
C GLU A 3 -28.69 -28.23 -12.12
N GLN A 4 -27.99 -27.29 -12.75
CA GLN A 4 -27.69 -27.42 -14.16
C GLN A 4 -26.31 -28.06 -14.28
N VAL A 5 -26.14 -28.86 -15.34
CA VAL A 5 -24.90 -29.57 -15.62
C VAL A 5 -23.59 -28.80 -15.39
N CYS A 6 -23.44 -27.66 -16.05
CA CYS A 6 -22.23 -26.84 -15.93
C CYS A 6 -21.76 -26.66 -14.50
N ASP A 7 -22.71 -26.54 -13.58
CA ASP A 7 -22.40 -26.36 -12.17
C ASP A 7 -21.91 -27.62 -11.49
N VAL A 8 -22.71 -28.68 -11.55
CA VAL A 8 -22.36 -29.96 -10.94
C VAL A 8 -21.02 -30.51 -11.41
N PHE A 9 -20.82 -30.50 -12.71
CA PHE A 9 -19.59 -31.01 -13.25
C PHE A 9 -18.46 -30.02 -13.41
N ASP A 10 -18.68 -28.78 -12.95
CA ASP A 10 -17.67 -27.71 -13.02
C ASP A 10 -17.04 -27.61 -14.40
N ILE A 11 -17.83 -27.23 -15.38
CA ILE A 11 -17.35 -27.09 -16.74
C ILE A 11 -17.04 -25.62 -17.08
N TYR A 12 -15.81 -25.40 -17.52
CA TYR A 12 -15.34 -24.07 -17.87
C TYR A 12 -14.72 -24.01 -19.24
N ALA A 13 -14.61 -22.79 -19.75
CA ALA A 13 -14.02 -22.57 -21.05
C ALA A 13 -12.80 -21.70 -20.78
N ILE A 14 -11.74 -21.94 -21.55
CA ILE A 14 -10.51 -21.17 -21.44
C ILE A 14 -10.09 -20.95 -22.90
N CYS A 15 -9.81 -19.71 -23.25
CA CYS A 15 -9.43 -19.36 -24.61
C CYS A 15 -8.54 -18.13 -24.57
N ALA A 16 -8.09 -17.74 -25.76
CA ALA A 16 -7.24 -16.60 -25.97
C ALA A 16 -7.76 -15.93 -27.25
N CYS A 17 -7.95 -14.61 -27.22
CA CYS A 17 -8.44 -13.89 -28.39
C CYS A 17 -7.64 -12.64 -28.72
N CYS A 18 -7.39 -12.42 -30.01
CA CYS A 18 -6.65 -11.26 -30.44
C CYS A 18 -7.63 -10.32 -31.12
N LYS A 19 -7.11 -9.23 -31.69
CA LYS A 19 -7.96 -8.28 -32.38
C LYS A 19 -7.95 -8.77 -33.82
N VAL A 20 -9.03 -8.51 -34.54
CA VAL A 20 -9.16 -8.93 -35.92
C VAL A 20 -8.72 -7.99 -37.01
N GLU A 21 -8.01 -8.54 -37.99
CA GLU A 21 -7.48 -7.77 -39.12
C GLU A 21 -8.48 -7.21 -40.13
N SER A 22 -9.78 -7.40 -39.94
CA SER A 22 -10.73 -6.86 -40.91
C SER A 22 -10.23 -5.42 -41.01
N LYS A 23 -9.94 -4.97 -42.23
CA LYS A 23 -9.45 -3.62 -42.45
C LYS A 23 -10.52 -2.57 -42.21
N ASN A 24 -10.42 -1.92 -41.05
CA ASN A 24 -11.37 -0.87 -40.71
C ASN A 24 -11.09 0.21 -41.76
N GLU A 25 -12.09 0.75 -42.43
CA GLU A 25 -11.73 1.77 -43.41
C GLU A 25 -11.55 3.10 -42.68
N GLY A 26 -11.40 3.00 -41.37
CA GLY A 26 -11.21 4.17 -40.55
C GLY A 26 -10.52 3.87 -39.23
N LYS A 27 -9.29 3.36 -39.29
CA LYS A 27 -8.54 3.05 -38.06
C LYS A 27 -8.62 4.29 -37.18
N LYS A 28 -8.78 5.44 -37.83
CA LYS A 28 -8.88 6.73 -37.14
C LYS A 28 -10.26 6.85 -36.44
N ASN A 29 -10.24 6.78 -35.11
CA ASN A 29 -11.45 6.89 -34.30
C ASN A 29 -12.41 5.70 -34.47
N GLU A 30 -11.91 4.49 -34.21
CA GLU A 30 -12.76 3.31 -34.34
C GLU A 30 -13.35 3.06 -32.94
N VAL A 31 -14.42 2.27 -32.90
CA VAL A 31 -15.08 1.95 -31.63
C VAL A 31 -14.61 0.61 -31.06
N PHE A 32 -14.48 0.55 -29.74
CA PHE A 32 -14.03 -0.67 -29.08
C PHE A 32 -15.04 -1.15 -28.04
N ASN A 33 -15.04 -2.46 -27.82
CA ASN A 33 -15.90 -3.14 -26.86
C ASN A 33 -15.26 -4.52 -26.61
N ASN A 34 -15.79 -5.33 -25.70
CA ASN A 34 -15.19 -6.65 -25.44
C ASN A 34 -15.04 -7.48 -26.72
N TYR A 35 -16.06 -7.38 -27.59
CA TYR A 35 -16.09 -8.09 -28.88
C TYR A 35 -14.88 -7.76 -29.74
N THR A 36 -14.16 -6.71 -29.35
CA THR A 36 -12.96 -6.30 -30.07
C THR A 36 -11.99 -7.50 -30.01
N PHE A 37 -11.97 -8.21 -28.89
CA PHE A 37 -11.08 -9.37 -28.75
C PHE A 37 -11.90 -10.63 -29.10
N ARG A 38 -11.74 -11.12 -30.32
CA ARG A 38 -12.46 -12.30 -30.78
C ARG A 38 -11.71 -13.21 -31.74
N GLY A 39 -10.48 -12.85 -32.11
CA GLY A 39 -9.71 -13.68 -33.02
C GLY A 39 -9.25 -14.98 -32.38
N LEU A 40 -9.77 -16.11 -32.86
CA LEU A 40 -9.40 -17.42 -32.31
C LEU A 40 -8.30 -18.18 -33.04
N GLY A 41 -8.47 -18.36 -34.35
CA GLY A 41 -7.47 -19.07 -35.11
C GLY A 41 -7.36 -18.61 -36.54
N ASN A 42 -6.46 -19.24 -37.30
CA ASN A 42 -6.25 -18.92 -38.70
C ASN A 42 -5.56 -20.06 -39.42
N LYS A 43 -6.23 -20.60 -40.44
CA LYS A 43 -5.70 -21.71 -41.24
C LYS A 43 -5.34 -22.90 -40.40
N GLY A 44 -6.16 -23.21 -39.40
CA GLY A 44 -5.89 -24.36 -38.55
C GLY A 44 -4.94 -24.15 -37.39
N VAL A 45 -4.34 -22.97 -37.27
CA VAL A 45 -3.42 -22.73 -36.17
C VAL A 45 -3.73 -21.39 -35.49
N LEU A 46 -2.91 -21.01 -34.49
CA LEU A 46 -3.11 -19.75 -33.78
C LEU A 46 -2.72 -18.56 -34.63
N PRO A 47 -3.53 -17.50 -34.59
CA PRO A 47 -3.21 -16.30 -35.39
C PRO A 47 -1.84 -15.71 -35.09
N TRP A 48 -1.42 -15.82 -33.82
CA TRP A 48 -0.13 -15.27 -33.38
C TRP A 48 0.99 -16.25 -33.38
N LYS A 49 0.70 -17.45 -33.82
CA LYS A 49 1.74 -18.45 -33.85
C LYS A 49 1.94 -18.95 -32.43
N CYS A 50 2.67 -18.20 -31.62
CA CYS A 50 2.94 -18.57 -30.23
C CYS A 50 3.06 -17.40 -29.26
N ASN A 51 2.66 -17.63 -28.02
CA ASN A 51 2.74 -16.61 -26.98
C ASN A 51 3.13 -17.40 -25.74
N SER A 52 4.37 -17.31 -25.30
CA SER A 52 4.74 -18.09 -24.12
C SER A 52 4.02 -17.81 -22.82
N LEU A 53 3.67 -16.56 -22.57
CA LEU A 53 2.98 -16.25 -21.33
C LEU A 53 1.58 -16.84 -21.30
N ASP A 54 0.82 -16.71 -22.40
CA ASP A 54 -0.52 -17.27 -22.44
C ASP A 54 -0.48 -18.82 -22.32
N MET A 55 0.53 -19.43 -22.93
CA MET A 55 0.72 -20.87 -22.91
C MET A 55 1.00 -21.29 -21.49
N LYS A 56 1.85 -20.53 -20.82
CA LYS A 56 2.19 -20.83 -19.44
C LYS A 56 0.94 -20.71 -18.55
N TYR A 57 0.13 -19.69 -18.82
CA TYR A 57 -1.10 -19.49 -18.04
C TYR A 57 -2.10 -20.63 -18.30
N PHE A 58 -2.28 -20.97 -19.58
CA PHE A 58 -3.18 -22.03 -19.98
C PHE A 58 -2.78 -23.35 -19.33
N CYS A 59 -1.48 -23.61 -19.28
CA CYS A 59 -0.96 -24.83 -18.68
C CYS A 59 -1.18 -24.82 -17.19
N ALA A 60 -0.90 -23.69 -16.56
CA ALA A 60 -1.07 -23.56 -15.11
C ALA A 60 -2.52 -23.76 -14.69
N VAL A 61 -3.44 -23.13 -15.39
CA VAL A 61 -4.84 -23.22 -15.09
C VAL A 61 -5.42 -24.60 -15.37
N THR A 62 -5.13 -25.16 -16.54
CA THR A 62 -5.69 -26.47 -16.86
C THR A 62 -5.04 -27.63 -16.11
N THR A 63 -3.92 -27.40 -15.44
CA THR A 63 -3.33 -28.51 -14.73
C THR A 63 -3.55 -28.36 -13.23
N TYR A 64 -3.86 -27.16 -12.77
CA TYR A 64 -4.05 -26.98 -11.33
C TYR A 64 -5.21 -27.73 -10.69
N VAL A 65 -4.89 -28.43 -9.63
CA VAL A 65 -5.85 -29.21 -8.88
C VAL A 65 -5.65 -28.97 -7.38
N ASN A 66 -6.73 -28.95 -6.62
CA ASN A 66 -6.65 -28.76 -5.18
C ASN A 66 -7.36 -29.99 -4.58
N GLU A 67 -6.58 -30.97 -4.16
CA GLU A 67 -7.10 -32.20 -3.59
C GLU A 67 -8.04 -32.07 -2.39
N SER A 68 -7.76 -31.14 -1.49
CA SER A 68 -8.62 -30.98 -0.31
C SER A 68 -10.02 -30.49 -0.67
N LYS A 69 -10.20 -29.99 -1.90
CA LYS A 69 -11.51 -29.51 -2.32
C LYS A 69 -12.29 -30.55 -3.12
N TYR A 70 -11.64 -31.64 -3.50
CA TYR A 70 -12.31 -32.67 -4.27
C TYR A 70 -13.50 -33.35 -3.61
N GLU A 71 -13.32 -33.81 -2.37
CA GLU A 71 -14.41 -34.48 -1.64
C GLU A 71 -15.75 -33.75 -1.76
N LYS A 72 -15.73 -32.45 -1.52
CA LYS A 72 -16.94 -31.65 -1.60
C LYS A 72 -17.53 -31.83 -2.99
N LEU A 73 -16.67 -31.89 -4.00
CA LEU A 73 -17.12 -32.05 -5.39
C LEU A 73 -17.59 -33.48 -5.67
N LYS A 74 -16.91 -34.45 -5.04
CA LYS A 74 -17.26 -35.86 -5.22
C LYS A 74 -18.68 -36.04 -4.69
N TYR A 75 -18.92 -35.54 -3.49
CA TYR A 75 -20.24 -35.64 -2.87
C TYR A 75 -21.28 -34.98 -3.75
N LYS A 76 -21.00 -33.75 -4.16
CA LYS A 76 -21.93 -33.00 -5.01
C LYS A 76 -22.36 -33.78 -6.25
N ARG A 77 -21.38 -34.31 -6.98
CA ARG A 77 -21.67 -35.07 -8.19
C ARG A 77 -22.39 -36.37 -7.90
N CYS A 78 -21.98 -37.05 -6.83
CA CYS A 78 -22.61 -38.29 -6.46
C CYS A 78 -24.07 -38.00 -6.16
N LYS A 79 -24.31 -37.08 -5.23
CA LYS A 79 -25.66 -36.71 -4.85
C LYS A 79 -26.51 -36.40 -6.07
N TYR A 80 -25.93 -35.70 -7.04
CA TYR A 80 -26.67 -35.34 -8.25
C TYR A 80 -27.05 -36.57 -9.09
N LEU A 81 -26.24 -37.62 -9.01
CA LEU A 81 -26.49 -38.84 -9.76
C LEU A 81 -27.12 -39.97 -8.94
N ASN A 82 -27.54 -39.66 -7.72
CA ASN A 82 -28.16 -40.64 -6.84
C ASN A 82 -27.15 -41.73 -6.46
N LYS A 83 -25.89 -41.47 -6.71
CA LYS A 83 -24.84 -42.42 -6.39
C LYS A 83 -24.16 -41.85 -5.14
N GLU A 84 -23.20 -42.58 -4.59
CA GLU A 84 -22.49 -42.10 -3.41
C GLU A 84 -21.37 -43.04 -2.97
N THR A 85 -20.48 -42.54 -2.12
CA THR A 85 -19.35 -43.33 -1.62
C THR A 85 -19.73 -43.96 -0.29
N LYS A 96 -5.04 -42.99 -9.47
CA LYS A 96 -3.81 -42.14 -9.55
C LYS A 96 -3.94 -40.77 -8.86
N LYS A 97 -3.19 -39.80 -9.40
CA LYS A 97 -3.18 -38.43 -8.89
C LYS A 97 -4.40 -37.68 -9.46
N LEU A 98 -5.04 -36.84 -8.65
CA LEU A 98 -6.21 -36.10 -9.15
C LEU A 98 -5.83 -35.23 -10.32
N GLN A 99 -6.69 -35.22 -11.33
CA GLN A 99 -6.43 -34.44 -12.51
C GLN A 99 -7.68 -33.76 -13.06
N ASN A 100 -7.47 -32.79 -13.94
CA ASN A 100 -8.54 -32.07 -14.57
C ASN A 100 -8.78 -32.75 -15.92
N VAL A 101 -9.88 -32.38 -16.55
CA VAL A 101 -10.26 -32.92 -17.83
C VAL A 101 -10.17 -31.76 -18.81
N VAL A 102 -9.68 -32.02 -20.02
CA VAL A 102 -9.60 -30.99 -21.03
C VAL A 102 -10.37 -31.61 -22.19
N VAL A 103 -11.30 -30.83 -22.74
CA VAL A 103 -12.12 -31.25 -23.85
C VAL A 103 -11.86 -30.35 -25.03
N MET A 104 -11.53 -30.94 -26.18
CA MET A 104 -11.24 -30.19 -27.37
C MET A 104 -11.84 -30.83 -28.62
N GLY A 105 -11.91 -30.04 -29.69
CA GLY A 105 -12.45 -30.54 -30.94
C GLY A 105 -11.34 -31.21 -31.72
N ARG A 106 -11.73 -32.06 -32.66
CA ARG A 106 -10.78 -32.78 -33.47
C ARG A 106 -9.76 -31.88 -34.17
N THR A 107 -10.23 -30.79 -34.75
CA THR A 107 -9.32 -29.89 -35.43
C THR A 107 -8.29 -29.33 -34.44
N SER A 108 -8.72 -29.00 -33.23
CA SER A 108 -7.80 -28.46 -32.22
C SER A 108 -6.76 -29.48 -31.80
N TRP A 109 -7.20 -30.73 -31.64
CA TRP A 109 -6.28 -31.79 -31.24
C TRP A 109 -5.15 -31.90 -32.28
N GLU A 110 -5.52 -31.80 -33.56
CA GLU A 110 -4.54 -31.91 -34.63
C GLU A 110 -3.65 -30.68 -34.75
N SER A 111 -4.05 -29.55 -34.15
CA SER A 111 -3.24 -28.35 -34.24
C SER A 111 -2.14 -28.33 -33.19
N ILE A 112 -2.20 -29.24 -32.22
CA ILE A 112 -1.19 -29.30 -31.18
C ILE A 112 0.02 -30.12 -31.64
N PRO A 113 1.25 -29.61 -31.41
CA PRO A 113 2.44 -30.36 -31.84
C PRO A 113 2.57 -31.70 -31.13
N LYS A 114 2.91 -32.72 -31.89
CA LYS A 114 3.07 -34.07 -31.37
C LYS A 114 3.66 -34.19 -29.97
N LYS A 115 4.77 -33.48 -29.71
CA LYS A 115 5.43 -33.54 -28.41
C LYS A 115 4.63 -33.06 -27.19
N PHE A 116 3.47 -32.43 -27.40
CA PHE A 116 2.67 -31.96 -26.29
C PHE A 116 1.42 -32.81 -26.09
N LYS A 117 1.19 -33.76 -26.99
CA LYS A 117 0.02 -34.64 -26.92
C LYS A 117 0.30 -36.05 -26.39
N PRO A 118 -0.55 -36.53 -25.49
CA PRO A 118 -1.73 -35.80 -24.98
C PRO A 118 -1.24 -34.77 -23.95
N LEU A 119 -2.00 -33.70 -23.72
CA LEU A 119 -1.57 -32.67 -22.74
C LEU A 119 -1.30 -33.35 -21.42
N SER A 120 -0.12 -33.09 -20.88
CA SER A 120 0.31 -33.68 -19.63
C SER A 120 -0.48 -33.41 -18.36
N ASN A 121 -0.56 -34.44 -17.52
CA ASN A 121 -1.28 -34.36 -16.26
C ASN A 121 -2.73 -33.98 -16.40
N ARG A 122 -3.28 -34.25 -17.56
CA ARG A 122 -4.68 -33.93 -17.80
C ARG A 122 -5.32 -35.06 -18.61
N ILE A 123 -6.59 -35.31 -18.32
CA ILE A 123 -7.35 -36.33 -19.00
C ILE A 123 -7.83 -35.68 -20.30
N ASN A 124 -7.31 -36.13 -21.44
CA ASN A 124 -7.70 -35.56 -22.72
C ASN A 124 -8.97 -36.18 -23.33
N VAL A 125 -9.89 -35.33 -23.79
CA VAL A 125 -11.14 -35.79 -24.38
C VAL A 125 -11.23 -35.08 -25.71
N ILE A 126 -11.54 -35.84 -26.75
CA ILE A 126 -11.64 -35.28 -28.10
C ILE A 126 -13.00 -35.52 -28.75
N LEU A 127 -13.58 -34.46 -29.32
CA LEU A 127 -14.89 -34.57 -29.98
C LEU A 127 -14.65 -34.83 -31.46
N SER A 128 -15.31 -35.86 -31.99
CA SER A 128 -15.15 -36.18 -33.41
C SER A 128 -16.25 -37.10 -33.92
N ARG A 129 -16.52 -36.96 -35.21
CA ARG A 129 -17.53 -37.78 -35.87
C ARG A 129 -16.77 -38.59 -36.90
N THR A 130 -15.83 -37.95 -37.58
CA THR A 130 -15.05 -38.63 -38.59
C THR A 130 -13.97 -39.61 -38.09
N LEU A 131 -13.54 -39.46 -36.85
CA LEU A 131 -12.52 -40.34 -36.30
C LEU A 131 -13.07 -41.08 -35.10
N LYS A 132 -12.52 -42.26 -34.83
CA LYS A 132 -12.93 -43.10 -33.73
C LYS A 132 -11.71 -43.48 -32.92
N LYS A 133 -11.91 -44.12 -31.77
CA LYS A 133 -10.80 -44.52 -30.93
C LYS A 133 -9.71 -45.34 -31.62
N GLU A 134 -10.08 -46.10 -32.64
CA GLU A 134 -9.13 -46.93 -33.38
C GLU A 134 -8.13 -46.08 -34.14
N ASP A 135 -8.52 -44.84 -34.43
CA ASP A 135 -7.66 -43.94 -35.17
C ASP A 135 -6.65 -43.21 -34.31
N PHE A 136 -6.69 -43.43 -33.00
CA PHE A 136 -5.76 -42.75 -32.11
C PHE A 136 -4.90 -43.78 -31.40
N ASP A 137 -3.61 -43.48 -31.28
CA ASP A 137 -2.68 -44.37 -30.61
C ASP A 137 -2.56 -43.95 -29.13
N GLU A 138 -2.86 -42.68 -28.88
CA GLU A 138 -2.79 -42.07 -27.57
C GLU A 138 -3.81 -42.39 -26.48
N ASP A 139 -3.39 -42.17 -25.24
CA ASP A 139 -4.25 -42.41 -24.11
C ASP A 139 -5.22 -41.21 -24.10
N VAL A 140 -6.35 -41.32 -24.78
CA VAL A 140 -7.33 -40.26 -24.86
C VAL A 140 -8.72 -40.88 -24.99
N TYR A 141 -9.74 -40.09 -24.70
CA TYR A 141 -11.13 -40.56 -24.80
C TYR A 141 -11.72 -39.87 -26.00
N ILE A 142 -12.43 -40.62 -26.84
CA ILE A 142 -13.05 -40.03 -28.02
C ILE A 142 -14.55 -40.04 -27.79
N ILE A 143 -15.23 -38.96 -28.13
CA ILE A 143 -16.67 -38.90 -27.95
C ILE A 143 -17.22 -38.24 -29.20
N ASN A 144 -18.37 -38.72 -29.67
CA ASN A 144 -18.97 -38.15 -30.86
C ASN A 144 -20.21 -37.32 -30.59
N LYS A 145 -20.45 -37.01 -29.32
CA LYS A 145 -21.62 -36.21 -28.91
C LYS A 145 -21.34 -35.46 -27.64
N VAL A 146 -21.80 -34.22 -27.56
CA VAL A 146 -21.59 -33.43 -26.34
C VAL A 146 -22.23 -34.17 -25.17
N GLU A 147 -23.39 -34.76 -25.43
CA GLU A 147 -24.12 -35.51 -24.41
C GLU A 147 -23.25 -36.62 -23.82
N ASP A 148 -22.37 -37.21 -24.64
CA ASP A 148 -21.50 -38.28 -24.17
C ASP A 148 -20.44 -37.80 -23.19
N LEU A 149 -20.11 -36.51 -23.26
CA LEU A 149 -19.12 -35.92 -22.37
C LEU A 149 -19.70 -35.93 -20.96
N ILE A 150 -20.95 -35.55 -20.84
CA ILE A 150 -21.59 -35.54 -19.52
C ILE A 150 -21.61 -36.92 -18.90
N VAL A 151 -21.97 -37.93 -19.70
CA VAL A 151 -22.00 -39.28 -19.13
C VAL A 151 -20.60 -39.64 -18.63
N LEU A 152 -19.58 -39.38 -19.45
CA LEU A 152 -18.19 -39.69 -19.08
C LEU A 152 -17.78 -38.98 -17.80
N LEU A 153 -18.09 -37.70 -17.70
CA LEU A 153 -17.71 -36.97 -16.50
C LEU A 153 -18.29 -37.65 -15.29
N GLY A 154 -19.47 -38.24 -15.44
CA GLY A 154 -20.08 -38.93 -14.32
C GLY A 154 -19.33 -40.17 -13.89
N LYS A 155 -18.54 -40.74 -14.80
CA LYS A 155 -17.77 -41.95 -14.52
C LYS A 155 -16.36 -41.65 -14.07
N LEU A 156 -15.85 -40.50 -14.45
CA LEU A 156 -14.50 -40.13 -14.08
C LEU A 156 -14.32 -39.43 -12.75
N ASN A 157 -13.10 -39.52 -12.22
CA ASN A 157 -12.72 -38.89 -10.97
C ASN A 157 -11.83 -37.76 -11.47
N TYR A 158 -12.33 -36.53 -11.38
CA TYR A 158 -11.55 -35.39 -11.84
C TYR A 158 -11.85 -34.18 -10.97
N TYR A 159 -11.04 -33.14 -11.13
CA TYR A 159 -11.22 -31.91 -10.37
C TYR A 159 -12.16 -31.02 -11.19
N LYS A 160 -11.65 -30.43 -12.27
CA LYS A 160 -12.46 -29.58 -13.12
C LYS A 160 -12.38 -29.97 -14.59
N CYS A 161 -13.35 -29.50 -15.37
CA CYS A 161 -13.39 -29.80 -16.78
C CYS A 161 -13.29 -28.51 -17.58
N PHE A 162 -12.23 -28.39 -18.38
CA PHE A 162 -12.00 -27.23 -19.20
C PHE A 162 -12.23 -27.50 -20.68
N ILE A 163 -13.08 -26.70 -21.30
CA ILE A 163 -13.39 -26.83 -22.72
C ILE A 163 -12.28 -25.96 -23.31
N ILE A 164 -11.39 -26.53 -24.12
CA ILE A 164 -10.30 -25.72 -24.67
C ILE A 164 -10.27 -25.34 -26.14
N GLY A 165 -11.42 -25.38 -26.80
CA GLY A 165 -11.49 -25.04 -28.21
C GLY A 165 -11.82 -26.24 -29.05
N GLY A 166 -11.99 -26.09 -30.37
CA GLY A 166 -11.87 -24.79 -31.00
C GLY A 166 -13.08 -23.88 -31.14
N SER A 167 -13.17 -23.17 -32.26
CA SER A 167 -14.31 -22.27 -32.44
C SER A 167 -15.64 -23.01 -32.47
N VAL A 168 -15.72 -24.14 -33.17
CA VAL A 168 -16.99 -24.86 -33.21
C VAL A 168 -17.33 -25.40 -31.83
N VAL A 169 -16.34 -25.93 -31.13
CA VAL A 169 -16.61 -26.46 -29.78
C VAL A 169 -17.06 -25.37 -28.81
N TYR A 170 -16.40 -24.20 -28.81
CA TYR A 170 -16.83 -23.12 -27.89
C TYR A 170 -18.27 -22.73 -28.19
N GLN A 171 -18.54 -22.53 -29.47
CA GLN A 171 -19.85 -22.15 -29.92
C GLN A 171 -20.99 -23.02 -29.37
N GLU A 172 -20.85 -24.34 -29.43
CA GLU A 172 -21.93 -25.19 -28.93
C GLU A 172 -22.04 -25.33 -27.42
N PHE A 173 -20.92 -25.22 -26.72
CA PHE A 173 -21.01 -25.35 -25.26
C PHE A 173 -21.68 -24.16 -24.63
N LEU A 174 -21.48 -22.99 -25.24
CA LEU A 174 -22.07 -21.76 -24.76
C LEU A 174 -23.58 -21.82 -25.07
N GLU A 175 -23.92 -22.19 -26.30
CA GLU A 175 -25.34 -22.28 -26.69
C GLU A 175 -26.06 -23.26 -25.79
N LYS A 176 -25.40 -24.35 -25.42
CA LYS A 176 -26.05 -25.34 -24.56
C LYS A 176 -25.94 -24.97 -23.10
N LYS A 177 -25.39 -23.78 -22.86
CA LYS A 177 -25.20 -23.25 -21.53
C LYS A 177 -24.48 -24.19 -20.56
N LEU A 178 -23.39 -24.80 -21.03
CA LEU A 178 -22.62 -25.71 -20.21
C LEU A 178 -21.38 -25.05 -19.57
N ILE A 179 -21.16 -23.77 -19.88
CA ILE A 179 -20.03 -23.01 -19.36
C ILE A 179 -20.38 -22.16 -18.13
N LYS A 180 -19.66 -22.38 -17.05
CA LYS A 180 -19.85 -21.68 -15.78
C LYS A 180 -18.98 -20.41 -15.64
N LYS A 181 -17.84 -20.39 -16.33
CA LYS A 181 -16.89 -19.27 -16.32
C LYS A 181 -16.04 -19.36 -17.56
N ILE A 182 -15.57 -18.21 -18.04
CA ILE A 182 -14.73 -18.19 -19.22
C ILE A 182 -13.42 -17.49 -18.86
N TYR A 183 -12.33 -18.26 -18.90
CA TYR A 183 -10.99 -17.73 -18.59
C TYR A 183 -10.54 -17.29 -19.98
N PHE A 184 -10.65 -15.99 -20.20
CA PHE A 184 -10.35 -15.29 -21.42
C PHE A 184 -9.06 -14.44 -21.44
N THR A 185 -8.13 -14.78 -22.33
CA THR A 185 -6.87 -14.06 -22.46
C THR A 185 -7.06 -13.01 -23.57
N ARG A 186 -6.75 -11.75 -23.30
CA ARG A 186 -6.91 -10.73 -24.33
C ARG A 186 -5.53 -10.43 -24.87
N ILE A 187 -5.29 -10.84 -26.11
CA ILE A 187 -4.02 -10.64 -26.81
C ILE A 187 -4.21 -9.30 -27.50
N ASN A 188 -3.55 -8.26 -26.98
CA ASN A 188 -3.68 -6.93 -27.55
C ASN A 188 -2.85 -6.52 -28.77
N SER A 189 -3.10 -7.22 -29.87
CA SER A 189 -2.41 -6.95 -31.12
C SER A 189 -3.31 -7.56 -32.18
N THR A 190 -3.13 -7.13 -33.43
CA THR A 190 -3.94 -7.63 -34.52
C THR A 190 -3.30 -8.67 -35.41
N TYR A 191 -4.10 -9.64 -35.86
CA TYR A 191 -3.61 -10.70 -36.74
C TYR A 191 -4.74 -11.19 -37.64
N GLU A 192 -4.33 -11.87 -38.69
CA GLU A 192 -5.25 -12.44 -39.67
C GLU A 192 -5.93 -13.64 -39.02
N CYS A 193 -7.26 -13.69 -39.09
CA CYS A 193 -8.03 -14.78 -38.50
C CYS A 193 -9.18 -15.25 -39.39
N ASP A 194 -9.58 -16.52 -39.22
CA ASP A 194 -10.69 -17.08 -39.99
C ASP A 194 -11.78 -17.63 -39.07
N VAL A 195 -11.48 -17.89 -37.80
CA VAL A 195 -12.51 -18.41 -36.90
C VAL A 195 -12.53 -17.47 -35.70
N PHE A 196 -13.70 -17.35 -35.07
CA PHE A 196 -13.85 -16.45 -33.94
C PHE A 196 -14.60 -17.00 -32.75
N PHE A 197 -14.41 -16.34 -31.59
CA PHE A 197 -15.08 -16.75 -30.38
C PHE A 197 -16.47 -16.12 -30.55
N PRO A 198 -17.50 -16.74 -29.97
CA PRO A 198 -18.81 -16.12 -30.15
C PRO A 198 -18.95 -14.83 -29.35
N GLU A 199 -19.74 -13.89 -29.86
CA GLU A 199 -19.94 -12.63 -29.16
C GLU A 199 -20.60 -13.00 -27.85
N ILE A 200 -20.00 -12.58 -26.74
CA ILE A 200 -20.55 -12.90 -25.42
C ILE A 200 -21.67 -11.96 -25.00
N ASN A 201 -22.77 -12.52 -24.53
CA ASN A 201 -23.92 -11.72 -24.09
C ASN A 201 -23.67 -11.19 -22.68
N GLU A 202 -23.60 -9.86 -22.56
CA GLU A 202 -23.36 -9.25 -21.26
C GLU A 202 -24.45 -9.55 -20.24
N ASN A 203 -25.61 -10.03 -20.69
CA ASN A 203 -26.69 -10.34 -19.76
C ASN A 203 -26.58 -11.77 -19.26
N GLU A 204 -25.78 -12.57 -19.97
CA GLU A 204 -25.56 -13.97 -19.62
C GLU A 204 -24.24 -14.16 -18.88
N TYR A 205 -23.26 -13.31 -19.21
CA TYR A 205 -21.94 -13.36 -18.60
C TYR A 205 -21.41 -12.00 -18.18
N GLN A 206 -20.77 -11.94 -17.02
CA GLN A 206 -20.23 -10.68 -16.58
C GLN A 206 -18.79 -10.87 -16.06
N ILE A 207 -17.92 -9.93 -16.41
CA ILE A 207 -16.52 -9.99 -15.99
C ILE A 207 -16.41 -9.80 -14.48
N ILE A 208 -15.72 -10.71 -13.81
CA ILE A 208 -15.57 -10.61 -12.36
C ILE A 208 -14.14 -10.37 -11.92
N SER A 209 -13.19 -10.48 -12.86
CA SER A 209 -11.77 -10.28 -12.54
C SER A 209 -10.91 -9.94 -13.74
N VAL A 210 -9.93 -9.08 -13.51
CA VAL A 210 -9.00 -8.66 -14.55
C VAL A 210 -7.61 -8.71 -13.91
N SER A 211 -6.64 -9.29 -14.63
CA SER A 211 -5.31 -9.39 -14.10
C SER A 211 -4.44 -8.19 -14.39
N ASP A 212 -3.17 -8.33 -14.02
CA ASP A 212 -2.15 -7.31 -14.22
C ASP A 212 -1.95 -7.38 -15.75
N VAL A 213 -1.25 -6.40 -16.32
CA VAL A 213 -1.00 -6.40 -17.75
C VAL A 213 0.43 -6.85 -17.95
N TYR A 214 0.66 -7.59 -19.02
CA TYR A 214 1.99 -8.11 -19.32
C TYR A 214 2.37 -7.96 -20.77
N THR A 215 3.66 -8.21 -21.02
CA THR A 215 4.21 -8.15 -22.36
C THR A 215 4.87 -9.50 -22.62
N SER A 216 4.60 -10.09 -23.78
CA SER A 216 5.19 -11.38 -24.12
C SER A 216 5.10 -11.51 -25.63
N ASN A 217 6.21 -11.86 -26.26
CA ASN A 217 6.25 -12.01 -27.71
C ASN A 217 5.80 -10.77 -28.45
N ASN A 218 6.37 -9.63 -28.07
CA ASN A 218 6.06 -8.35 -28.70
C ASN A 218 4.63 -7.83 -28.65
N THR A 219 3.90 -8.16 -27.61
CA THR A 219 2.53 -7.68 -27.52
C THR A 219 2.13 -7.68 -26.06
N THR A 220 1.19 -6.81 -25.69
CA THR A 220 0.76 -6.80 -24.30
C THR A 220 -0.45 -7.71 -24.28
N LEU A 221 -0.85 -8.14 -23.09
CA LEU A 221 -1.99 -9.01 -22.97
C LEU A 221 -2.35 -9.07 -21.51
N ASP A 222 -3.61 -9.44 -21.23
CA ASP A 222 -4.06 -9.56 -19.86
C ASP A 222 -5.05 -10.75 -19.83
N PHE A 223 -5.49 -11.14 -18.64
CA PHE A 223 -6.40 -12.26 -18.47
C PHE A 223 -7.61 -11.82 -17.66
N ILE A 224 -8.79 -12.13 -18.18
CA ILE A 224 -9.99 -11.75 -17.49
C ILE A 224 -10.85 -13.00 -17.31
N ILE A 225 -11.77 -12.92 -16.37
CA ILE A 225 -12.65 -14.04 -16.07
C ILE A 225 -14.11 -13.63 -16.14
N TYR A 226 -14.88 -14.32 -16.97
CA TYR A 226 -16.29 -14.03 -17.10
C TYR A 226 -17.05 -15.03 -16.26
N LYS A 227 -18.08 -14.59 -15.56
CA LYS A 227 -18.84 -15.52 -14.75
C LYS A 227 -20.27 -15.56 -15.29
N LYS A 228 -20.86 -16.76 -15.34
CA LYS A 228 -22.22 -16.92 -15.84
C LYS A 228 -23.04 -16.03 -14.93
N THR A 229 -23.67 -14.99 -15.49
CA THR A 229 -24.47 -14.11 -14.67
C THR A 229 -25.58 -14.96 -14.13
N ASN A 230 -25.82 -14.76 -12.85
CA ASN A 230 -26.85 -15.48 -12.15
C ASN A 230 -28.06 -15.17 -13.04
N ASN A 231 -28.67 -16.24 -13.53
CA ASN A 231 -29.83 -16.23 -14.43
C ASN A 231 -30.94 -15.16 -14.56
N LYS A 232 -31.36 -14.46 -13.52
CA LYS A 232 -32.43 -13.46 -13.70
C LYS A 232 -31.99 -12.00 -13.88
N MET A 233 -31.70 -11.59 -15.12
CA MET A 233 -31.27 -10.21 -15.40
C MET A 233 -32.03 -9.19 -14.53
N MET B 2 -4.09 -35.87 21.00
CA MET B 2 -4.75 -35.81 22.33
C MET B 2 -5.49 -34.47 22.47
N GLU B 3 -6.20 -34.32 23.59
CA GLU B 3 -6.96 -33.10 23.85
C GLU B 3 -6.73 -32.66 25.31
N GLN B 4 -6.57 -31.36 25.51
CA GLN B 4 -6.36 -30.80 26.84
C GLN B 4 -7.36 -29.71 27.13
N VAL B 5 -7.73 -29.60 28.40
CA VAL B 5 -8.70 -28.62 28.89
C VAL B 5 -8.77 -27.26 28.18
N CYS B 6 -7.75 -26.42 28.34
CA CYS B 6 -7.71 -25.10 27.71
C CYS B 6 -7.99 -25.18 26.21
N ASP B 7 -7.44 -26.21 25.58
CA ASP B 7 -7.59 -26.45 24.15
C ASP B 7 -9.01 -26.92 23.78
N VAL B 8 -9.62 -27.67 24.67
CA VAL B 8 -10.96 -28.19 24.44
C VAL B 8 -12.05 -27.16 24.72
N PHE B 9 -11.98 -26.55 25.89
CA PHE B 9 -12.96 -25.55 26.31
C PHE B 9 -12.67 -24.11 25.89
N ASP B 10 -11.65 -23.92 25.05
CA ASP B 10 -11.27 -22.60 24.55
C ASP B 10 -11.25 -21.55 25.66
N ILE B 11 -10.40 -21.79 26.66
CA ILE B 11 -10.28 -20.87 27.78
C ILE B 11 -9.16 -19.86 27.50
N TYR B 12 -9.56 -18.60 27.39
CA TYR B 12 -8.63 -17.50 27.13
C TYR B 12 -8.64 -16.50 28.28
N ALA B 13 -7.60 -15.68 28.33
CA ALA B 13 -7.46 -14.67 29.36
C ALA B 13 -7.38 -13.28 28.72
N ILE B 14 -8.14 -12.33 29.24
CA ILE B 14 -8.12 -10.99 28.70
C ILE B 14 -7.89 -10.02 29.85
N CYS B 15 -6.88 -9.18 29.72
CA CYS B 15 -6.56 -8.20 30.76
C CYS B 15 -6.03 -6.89 30.21
N ALA B 16 -5.69 -6.00 31.15
CA ALA B 16 -5.14 -4.69 30.87
C ALA B 16 -4.09 -4.37 31.95
N CYS B 17 -2.88 -4.05 31.54
CA CYS B 17 -1.83 -3.75 32.52
C CYS B 17 -1.05 -2.47 32.21
N CYS B 18 -0.97 -1.58 33.21
CA CYS B 18 -0.26 -0.32 33.07
C CYS B 18 1.15 -0.50 33.63
N LYS B 19 1.92 0.58 33.64
CA LYS B 19 3.27 0.52 34.17
C LYS B 19 3.19 0.82 35.67
N VAL B 20 4.13 0.27 36.42
CA VAL B 20 4.17 0.46 37.87
C VAL B 20 5.29 1.38 38.32
N GLU B 21 4.95 2.39 39.11
CA GLU B 21 5.93 3.33 39.61
C GLU B 21 6.87 2.77 40.66
N SER B 22 8.16 3.08 40.50
CA SER B 22 9.21 2.64 41.42
C SER B 22 9.60 3.81 42.31
N LYS B 23 9.80 3.55 43.60
CA LYS B 23 10.19 4.62 44.51
C LYS B 23 11.70 4.73 44.36
N ASN B 24 12.30 3.62 43.91
CA ASN B 24 13.74 3.56 43.70
C ASN B 24 14.12 4.00 42.29
N GLU B 25 14.76 5.16 42.20
CA GLU B 25 15.19 5.71 40.92
C GLU B 25 16.53 5.01 40.59
N GLY B 26 16.45 3.87 39.91
CA GLY B 26 17.62 3.10 39.54
C GLY B 26 18.95 3.82 39.38
N LYS B 27 20.04 3.05 39.41
CA LYS B 27 21.35 3.65 39.27
C LYS B 27 21.84 3.60 37.82
N LYS B 28 20.88 3.62 36.89
CA LYS B 28 21.18 3.58 35.47
C LYS B 28 19.92 3.78 34.65
N ASN B 29 20.09 3.84 33.34
CA ASN B 29 19.00 4.03 32.41
C ASN B 29 18.06 2.81 32.52
N GLU B 30 16.83 3.07 32.96
CA GLU B 30 15.82 2.02 33.12
C GLU B 30 15.76 1.02 31.96
N VAL B 31 15.56 -0.25 32.31
CA VAL B 31 15.48 -1.32 31.33
C VAL B 31 14.02 -1.77 31.20
N PHE B 32 13.64 -2.13 29.98
CA PHE B 32 12.28 -2.57 29.70
C PHE B 32 12.18 -3.97 29.12
N ASN B 33 11.02 -4.59 29.35
CA ASN B 33 10.71 -5.93 28.87
C ASN B 33 9.21 -6.08 28.98
N ASN B 34 8.67 -7.22 28.54
CA ASN B 34 7.23 -7.45 28.60
C ASN B 34 6.67 -7.22 30.02
N TYR B 35 7.45 -7.64 31.01
CA TYR B 35 7.09 -7.51 32.42
C TYR B 35 6.94 -6.06 32.91
N THR B 36 7.30 -5.10 32.06
CA THR B 36 7.20 -3.69 32.40
C THR B 36 5.72 -3.32 32.52
N PHE B 37 4.90 -4.07 31.81
CA PHE B 37 3.46 -3.83 31.84
C PHE B 37 2.79 -4.87 32.73
N ARG B 38 2.53 -4.51 33.98
CA ARG B 38 1.90 -5.44 34.91
C ARG B 38 0.91 -4.89 35.94
N GLY B 39 0.67 -3.59 35.94
CA GLY B 39 -0.28 -3.06 36.90
C GLY B 39 -1.70 -3.47 36.58
N LEU B 40 -2.34 -4.22 37.49
CA LEU B 40 -3.71 -4.67 37.29
C LEU B 40 -4.74 -3.89 38.08
N GLY B 41 -4.47 -3.65 39.35
CA GLY B 41 -5.42 -2.91 40.15
C GLY B 41 -4.88 -2.13 41.34
N ASN B 42 -5.74 -1.28 41.90
CA ASN B 42 -5.39 -0.45 43.04
C ASN B 42 -6.64 -0.14 43.88
N LYS B 43 -6.56 -0.42 45.19
CA LYS B 43 -7.68 -0.17 46.11
C LYS B 43 -8.99 -0.80 45.61
N GLY B 44 -8.91 -1.98 45.01
CA GLY B 44 -10.12 -2.61 44.52
C GLY B 44 -10.67 -2.04 43.24
N VAL B 45 -9.86 -1.24 42.53
CA VAL B 45 -10.31 -0.64 41.27
C VAL B 45 -9.16 -0.60 40.25
N LEU B 46 -9.46 -0.10 39.06
CA LEU B 46 -8.46 0.00 37.99
C LEU B 46 -7.46 1.08 38.37
N PRO B 47 -6.15 0.79 38.21
CA PRO B 47 -5.08 1.73 38.54
C PRO B 47 -5.23 3.08 37.84
N TRP B 48 -5.98 3.09 36.74
CA TRP B 48 -6.19 4.31 35.95
C TRP B 48 -7.59 4.87 35.95
N LYS B 49 -8.42 4.34 36.83
CA LYS B 49 -9.80 4.75 36.95
C LYS B 49 -10.58 4.11 35.81
N CYS B 50 -10.25 4.48 34.58
CA CYS B 50 -10.92 3.91 33.42
C CYS B 50 -10.28 4.35 32.09
N ASN B 51 -10.60 3.60 31.05
CA ASN B 51 -10.08 3.87 29.71
C ASN B 51 -11.12 3.41 28.69
N SER B 52 -11.85 4.37 28.14
CA SER B 52 -12.88 4.03 27.18
C SER B 52 -12.47 3.12 26.01
N LEU B 53 -11.29 3.31 25.43
CA LEU B 53 -10.90 2.46 24.32
C LEU B 53 -10.67 1.04 24.76
N ASP B 54 -9.97 0.87 25.87
CA ASP B 54 -9.73 -0.48 26.36
C ASP B 54 -11.05 -1.17 26.69
N MET B 55 -11.96 -0.41 27.30
CA MET B 55 -13.27 -0.94 27.68
C MET B 55 -14.02 -1.42 26.45
N LYS B 56 -14.03 -0.59 25.40
CA LYS B 56 -14.72 -0.93 24.17
C LYS B 56 -14.08 -2.18 23.57
N TYR B 57 -12.78 -2.36 23.79
CA TYR B 57 -12.09 -3.52 23.25
C TYR B 57 -12.53 -4.73 24.09
N PHE B 58 -12.58 -4.54 25.40
CA PHE B 58 -12.99 -5.61 26.31
C PHE B 58 -14.37 -6.15 25.94
N CYS B 59 -15.36 -5.26 25.90
CA CYS B 59 -16.72 -5.67 25.55
C CYS B 59 -16.71 -6.36 24.19
N ALA B 60 -16.15 -5.69 23.19
CA ALA B 60 -16.10 -6.24 21.86
C ALA B 60 -15.55 -7.66 21.82
N VAL B 61 -14.41 -7.90 22.44
CA VAL B 61 -13.84 -9.24 22.42
C VAL B 61 -14.65 -10.30 23.17
N THR B 62 -15.01 -10.03 24.43
CA THR B 62 -15.77 -10.99 25.22
C THR B 62 -17.22 -11.25 24.78
N THR B 63 -17.81 -10.34 24.00
CA THR B 63 -19.18 -10.55 23.56
C THR B 63 -19.27 -11.02 22.11
N TYR B 64 -18.14 -11.11 21.42
CA TYR B 64 -18.20 -11.55 20.02
C TYR B 64 -18.33 -13.05 19.92
N VAL B 65 -19.22 -13.47 19.01
CA VAL B 65 -19.49 -14.87 18.76
C VAL B 65 -19.71 -15.15 17.28
N ASN B 66 -19.18 -16.27 16.81
CA ASN B 66 -19.31 -16.70 15.41
C ASN B 66 -20.11 -18.01 15.46
N GLU B 67 -21.42 -17.93 15.27
CA GLU B 67 -22.27 -19.12 15.31
C GLU B 67 -21.97 -20.17 14.23
N SER B 68 -21.57 -19.72 13.05
CA SER B 68 -21.26 -20.64 11.97
C SER B 68 -20.09 -21.57 12.31
N LYS B 69 -19.39 -21.30 13.40
CA LYS B 69 -18.27 -22.13 13.77
C LYS B 69 -18.40 -22.78 15.15
N TYR B 70 -19.59 -22.71 15.74
CA TYR B 70 -19.81 -23.29 17.06
C TYR B 70 -19.85 -24.81 16.98
N GLU B 71 -20.38 -25.33 15.88
CA GLU B 71 -20.48 -26.78 15.66
C GLU B 71 -19.18 -27.51 15.92
N LYS B 72 -18.12 -27.11 15.22
CA LYS B 72 -16.83 -27.73 15.37
C LYS B 72 -16.46 -27.80 16.86
N LEU B 73 -16.82 -26.74 17.59
CA LEU B 73 -16.53 -26.69 19.02
C LEU B 73 -17.24 -27.71 19.91
N LYS B 74 -18.57 -27.80 19.86
CA LYS B 74 -19.19 -28.80 20.74
C LYS B 74 -18.75 -30.18 20.29
N TYR B 75 -18.85 -30.47 19.00
CA TYR B 75 -18.42 -31.78 18.51
C TYR B 75 -17.14 -32.05 19.29
N LYS B 76 -16.19 -31.13 19.15
CA LYS B 76 -14.90 -31.22 19.83
C LYS B 76 -15.10 -31.52 21.33
N ARG B 77 -15.90 -30.69 22.00
CA ARG B 77 -16.18 -30.84 23.43
C ARG B 77 -16.91 -32.11 23.84
N CYS B 78 -18.17 -32.26 23.45
CA CYS B 78 -18.94 -33.45 23.81
C CYS B 78 -18.15 -34.74 23.66
N LYS B 79 -17.51 -34.93 22.50
CA LYS B 79 -16.72 -36.14 22.26
C LYS B 79 -15.79 -36.32 23.46
N TYR B 80 -15.01 -35.28 23.75
CA TYR B 80 -14.07 -35.29 24.87
C TYR B 80 -14.80 -35.69 26.16
N LEU B 81 -15.98 -35.12 26.34
CA LEU B 81 -16.80 -35.38 27.52
C LEU B 81 -17.43 -36.78 27.50
N ASN B 82 -17.20 -37.52 26.42
CA ASN B 82 -17.73 -38.87 26.24
C ASN B 82 -19.24 -38.91 26.10
N LYS B 83 -19.89 -37.75 26.20
CA LYS B 83 -21.34 -37.69 26.07
C LYS B 83 -21.65 -37.11 24.69
N GLU B 84 -22.90 -37.13 24.26
CA GLU B 84 -23.17 -36.58 22.93
C GLU B 84 -23.50 -35.07 22.79
N THR B 85 -24.44 -34.52 23.57
CA THR B 85 -24.75 -33.08 23.46
C THR B 85 -25.44 -32.56 24.74
N VAL B 86 -25.41 -31.25 24.95
CA VAL B 86 -26.04 -30.68 26.14
C VAL B 86 -27.34 -29.92 25.83
N ASP B 91 -37.33 -26.25 24.39
CA ASP B 91 -37.14 -25.69 23.01
C ASP B 91 -36.09 -24.61 23.06
N MET B 92 -35.70 -24.23 24.26
CA MET B 92 -34.71 -23.19 24.44
C MET B 92 -33.33 -23.70 24.85
N PRO B 93 -32.54 -24.17 23.88
CA PRO B 93 -31.25 -24.60 24.41
C PRO B 93 -30.51 -23.31 24.75
N ASN B 94 -30.56 -22.94 26.03
CA ASN B 94 -29.93 -21.74 26.59
C ASN B 94 -30.26 -20.33 26.08
N SER B 95 -31.51 -19.91 26.15
CA SER B 95 -31.86 -18.55 25.70
C SER B 95 -31.96 -18.20 24.20
N LYS B 96 -31.93 -19.20 23.32
CA LYS B 96 -32.03 -18.98 21.87
C LYS B 96 -30.91 -18.21 21.12
N LYS B 97 -29.71 -18.13 21.70
CA LYS B 97 -28.62 -17.42 21.02
C LYS B 97 -27.35 -17.71 21.79
N LEU B 98 -26.33 -18.14 21.05
CA LEU B 98 -25.04 -18.47 21.62
C LEU B 98 -24.33 -17.27 22.25
N GLN B 99 -23.47 -17.55 23.22
CA GLN B 99 -22.73 -16.51 23.92
C GLN B 99 -21.43 -17.08 24.49
N ASN B 100 -20.64 -16.22 25.14
CA ASN B 100 -19.37 -16.62 25.73
C ASN B 100 -19.49 -16.60 27.26
N VAL B 101 -18.53 -17.24 27.92
CA VAL B 101 -18.53 -17.29 29.36
C VAL B 101 -17.43 -16.36 29.87
N VAL B 102 -17.74 -15.57 30.88
CA VAL B 102 -16.77 -14.63 31.46
C VAL B 102 -16.56 -14.98 32.93
N VAL B 103 -15.46 -15.67 33.22
CA VAL B 103 -15.13 -16.06 34.59
C VAL B 103 -14.37 -14.96 35.31
N MET B 104 -14.91 -14.48 36.43
CA MET B 104 -14.28 -13.43 37.22
C MET B 104 -14.29 -13.72 38.72
N GLY B 105 -13.48 -12.96 39.46
CA GLY B 105 -13.38 -13.12 40.90
C GLY B 105 -14.39 -12.26 41.63
N ARG B 106 -14.52 -12.47 42.93
CA ARG B 106 -15.47 -11.71 43.74
C ARG B 106 -15.24 -10.20 43.72
N THR B 107 -14.07 -9.76 44.18
CA THR B 107 -13.77 -8.32 44.21
C THR B 107 -14.01 -7.74 42.82
N SER B 108 -13.59 -8.49 41.81
CA SER B 108 -13.75 -8.05 40.43
C SER B 108 -15.23 -7.80 40.15
N TRP B 109 -16.07 -8.73 40.61
CA TRP B 109 -17.49 -8.61 40.40
C TRP B 109 -17.98 -7.33 41.08
N GLU B 110 -17.40 -7.04 42.24
CA GLU B 110 -17.76 -5.86 43.01
C GLU B 110 -17.40 -4.54 42.32
N SER B 111 -16.21 -4.50 41.73
CA SER B 111 -15.72 -3.30 41.04
C SER B 111 -16.60 -2.84 39.87
N ILE B 112 -17.32 -3.79 39.27
CA ILE B 112 -18.18 -3.47 38.15
C ILE B 112 -19.44 -2.72 38.61
N PRO B 113 -19.75 -1.58 37.97
CA PRO B 113 -20.93 -0.79 38.35
C PRO B 113 -22.23 -1.60 38.20
N LYS B 114 -23.19 -1.31 39.05
CA LYS B 114 -24.49 -1.98 39.06
C LYS B 114 -25.20 -1.84 37.73
N LYS B 115 -24.88 -0.76 37.02
CA LYS B 115 -25.51 -0.53 35.72
C LYS B 115 -25.07 -1.66 34.81
N PHE B 116 -23.79 -2.00 34.86
CA PHE B 116 -23.26 -3.06 34.01
C PHE B 116 -23.16 -4.51 34.58
N LYS B 117 -23.81 -4.81 35.70
CA LYS B 117 -23.73 -6.13 36.29
C LYS B 117 -25.08 -6.94 36.19
N PRO B 118 -25.07 -8.18 35.65
CA PRO B 118 -24.01 -9.04 35.05
C PRO B 118 -23.89 -8.65 33.56
N LEU B 119 -22.66 -8.72 33.05
CA LEU B 119 -22.31 -8.38 31.67
C LEU B 119 -23.22 -8.86 30.56
N SER B 120 -23.85 -7.88 29.92
CA SER B 120 -24.77 -8.09 28.82
C SER B 120 -24.30 -9.02 27.70
N ASN B 121 -25.17 -9.94 27.30
CA ASN B 121 -24.90 -10.91 26.24
C ASN B 121 -23.80 -11.90 26.61
N ARG B 122 -23.49 -11.98 27.90
CA ARG B 122 -22.46 -12.89 28.38
C ARG B 122 -22.89 -13.77 29.55
N ILE B 123 -22.42 -15.02 29.53
CA ILE B 123 -22.75 -15.94 30.60
C ILE B 123 -21.80 -15.65 31.76
N ASN B 124 -22.25 -14.83 32.70
CA ASN B 124 -21.44 -14.46 33.86
C ASN B 124 -21.22 -15.63 34.82
N VAL B 125 -20.03 -15.67 35.41
CA VAL B 125 -19.67 -16.73 36.35
C VAL B 125 -18.70 -16.17 37.38
N ILE B 126 -19.02 -16.33 38.66
CA ILE B 126 -18.17 -15.82 39.71
C ILE B 126 -17.44 -16.91 40.49
N LEU B 127 -16.32 -16.56 41.11
CA LEU B 127 -15.54 -17.51 41.88
C LEU B 127 -15.41 -17.02 43.31
N SER B 128 -16.34 -17.46 44.16
CA SER B 128 -16.34 -17.08 45.56
C SER B 128 -16.63 -18.28 46.44
N ARG B 129 -15.72 -18.57 47.38
CA ARG B 129 -15.91 -19.70 48.27
C ARG B 129 -16.81 -19.25 49.41
N THR B 130 -17.30 -18.03 49.30
CA THR B 130 -18.18 -17.49 50.32
C THR B 130 -19.56 -17.09 49.85
N LEU B 131 -19.76 -16.90 48.56
CA LEU B 131 -21.08 -16.51 48.09
C LEU B 131 -22.07 -17.64 47.89
N LYS B 132 -23.33 -17.33 48.24
CA LYS B 132 -24.44 -18.26 48.14
C LYS B 132 -25.18 -18.01 46.84
N LYS B 133 -25.20 -19.05 46.02
CA LYS B 133 -25.85 -19.01 44.73
C LYS B 133 -27.27 -18.49 44.92
N GLU B 134 -27.86 -18.90 46.03
CA GLU B 134 -29.21 -18.53 46.43
C GLU B 134 -29.64 -17.10 46.13
N ASP B 135 -28.78 -16.13 46.45
CA ASP B 135 -29.15 -14.73 46.19
C ASP B 135 -28.76 -14.21 44.82
N PHE B 136 -28.48 -15.12 43.90
CA PHE B 136 -28.11 -14.72 42.56
C PHE B 136 -29.13 -15.25 41.55
N ASP B 137 -29.36 -14.49 40.49
CA ASP B 137 -30.32 -14.87 39.46
C ASP B 137 -30.02 -16.21 38.80
N GLU B 138 -30.87 -16.58 37.84
CA GLU B 138 -30.73 -17.84 37.11
C GLU B 138 -29.41 -17.80 36.34
N ASP B 139 -29.30 -16.79 35.50
CA ASP B 139 -28.14 -16.52 34.65
C ASP B 139 -26.81 -16.32 35.34
N VAL B 140 -26.80 -15.52 36.40
CA VAL B 140 -25.55 -15.27 37.12
C VAL B 140 -25.21 -16.51 37.93
N TYR B 141 -24.23 -17.26 37.46
CA TYR B 141 -23.80 -18.47 38.15
C TYR B 141 -22.84 -18.12 39.26
N ILE B 142 -22.41 -19.14 39.99
CA ILE B 142 -21.48 -18.98 41.10
C ILE B 142 -20.70 -20.29 41.18
N ILE B 143 -19.46 -20.21 41.64
CA ILE B 143 -18.63 -21.39 41.75
C ILE B 143 -17.89 -21.48 43.08
N ASN B 144 -17.56 -22.71 43.45
CA ASN B 144 -16.87 -23.02 44.68
C ASN B 144 -15.35 -22.96 44.46
N LYS B 145 -14.89 -23.61 43.39
CA LYS B 145 -13.47 -23.62 43.07
C LYS B 145 -13.19 -23.68 41.56
N VAL B 146 -11.91 -23.70 41.21
CA VAL B 146 -11.48 -23.76 39.82
C VAL B 146 -11.98 -25.04 39.16
N GLU B 147 -11.72 -26.16 39.84
CA GLU B 147 -12.11 -27.47 39.35
C GLU B 147 -13.59 -27.55 38.96
N ASP B 148 -14.41 -26.67 39.50
CA ASP B 148 -15.84 -26.68 39.19
C ASP B 148 -16.23 -25.96 37.89
N LEU B 149 -15.39 -25.05 37.41
CA LEU B 149 -15.71 -24.32 36.19
C LEU B 149 -15.83 -25.28 34.99
N ILE B 150 -14.82 -26.11 34.82
CA ILE B 150 -14.78 -27.09 33.72
C ILE B 150 -16.08 -27.87 33.64
N VAL B 151 -16.68 -28.13 34.81
CA VAL B 151 -17.92 -28.88 34.88
C VAL B 151 -19.09 -28.03 34.36
N LEU B 152 -19.14 -26.78 34.78
CA LEU B 152 -20.20 -25.88 34.36
C LEU B 152 -20.14 -25.62 32.85
N LEU B 153 -18.95 -25.81 32.28
CA LEU B 153 -18.74 -25.60 30.85
C LEU B 153 -19.26 -26.80 30.05
N GLY B 154 -19.25 -27.97 30.67
CA GLY B 154 -19.71 -29.17 30.00
C GLY B 154 -21.22 -29.19 29.82
N LYS B 155 -21.93 -28.62 30.77
CA LYS B 155 -23.39 -28.57 30.72
C LYS B 155 -23.91 -27.30 30.06
N LEU B 156 -23.03 -26.54 29.41
CA LEU B 156 -23.44 -25.30 28.75
C LEU B 156 -23.14 -25.19 27.26
N ASN B 157 -23.82 -24.23 26.63
CA ASN B 157 -23.67 -23.95 25.20
C ASN B 157 -23.05 -22.56 25.14
N TYR B 158 -21.73 -22.51 24.95
CA TYR B 158 -21.03 -21.24 24.88
C TYR B 158 -20.02 -21.27 23.76
N TYR B 159 -19.63 -20.08 23.29
CA TYR B 159 -18.67 -19.96 22.21
C TYR B 159 -17.25 -20.15 22.76
N LYS B 160 -16.80 -19.20 23.57
CA LYS B 160 -15.47 -19.25 24.19
C LYS B 160 -15.53 -18.83 25.65
N CYS B 161 -14.55 -19.24 26.45
CA CYS B 161 -14.54 -18.87 27.87
C CYS B 161 -13.43 -17.86 28.20
N PHE B 162 -13.83 -16.70 28.72
CA PHE B 162 -12.88 -15.64 29.07
C PHE B 162 -12.67 -15.38 30.55
N ILE B 163 -11.43 -15.52 31.00
CA ILE B 163 -11.12 -15.29 32.40
C ILE B 163 -10.86 -13.76 32.44
N ILE B 164 -11.70 -13.01 33.13
CA ILE B 164 -11.50 -11.57 33.18
C ILE B 164 -10.97 -10.94 34.47
N GLY B 165 -10.21 -11.69 35.27
CA GLY B 165 -9.65 -11.15 36.51
C GLY B 165 -10.35 -11.49 37.81
N GLY B 166 -9.82 -11.07 38.97
CA GLY B 166 -8.58 -10.30 39.00
C GLY B 166 -7.27 -11.06 39.13
N SER B 167 -6.30 -10.41 39.76
CA SER B 167 -4.97 -11.00 39.94
C SER B 167 -4.86 -12.42 40.49
N VAL B 168 -5.66 -12.75 41.49
CA VAL B 168 -5.58 -14.10 42.06
C VAL B 168 -6.09 -15.13 41.07
N VAL B 169 -7.22 -14.79 40.46
CA VAL B 169 -7.85 -15.65 39.47
C VAL B 169 -6.84 -15.93 38.35
N TYR B 170 -6.26 -14.87 37.77
CA TYR B 170 -5.28 -15.02 36.69
C TYR B 170 -4.15 -15.92 37.16
N GLN B 171 -3.54 -15.52 38.26
CA GLN B 171 -2.43 -16.26 38.85
C GLN B 171 -2.54 -17.78 38.74
N GLU B 172 -3.58 -18.33 39.35
CA GLU B 172 -3.80 -19.78 39.33
C GLU B 172 -4.18 -20.39 37.98
N PHE B 173 -5.05 -19.73 37.24
CA PHE B 173 -5.46 -20.27 35.95
C PHE B 173 -4.24 -20.46 35.04
N LEU B 174 -3.21 -19.63 35.24
CA LEU B 174 -2.00 -19.71 34.45
C LEU B 174 -1.14 -20.90 34.86
N GLU B 175 -0.92 -21.06 36.15
CA GLU B 175 -0.12 -22.17 36.63
C GLU B 175 -0.85 -23.49 36.37
N LYS B 176 -2.18 -23.44 36.40
CA LYS B 176 -3.00 -24.62 36.16
C LYS B 176 -3.03 -24.94 34.68
N LYS B 177 -2.23 -24.19 33.91
CA LYS B 177 -2.10 -24.34 32.46
C LYS B 177 -3.44 -24.49 31.74
N LEU B 178 -4.41 -23.66 32.12
CA LEU B 178 -5.74 -23.68 31.52
C LEU B 178 -5.94 -22.57 30.49
N ILE B 179 -4.93 -21.72 30.33
CA ILE B 179 -5.00 -20.62 29.37
C ILE B 179 -4.39 -20.93 28.01
N LYS B 180 -5.18 -20.70 26.95
CA LYS B 180 -4.73 -20.95 25.58
C LYS B 180 -4.15 -19.66 24.97
N LYS B 181 -4.81 -18.55 25.22
CA LYS B 181 -4.37 -17.25 24.71
C LYS B 181 -4.60 -16.17 25.75
N ILE B 182 -3.85 -15.08 25.62
CA ILE B 182 -3.96 -13.97 26.53
C ILE B 182 -4.05 -12.69 25.73
N TYR B 183 -5.21 -12.05 25.79
CA TYR B 183 -5.46 -10.81 25.08
C TYR B 183 -5.06 -9.76 26.10
N PHE B 184 -3.81 -9.31 25.94
CA PHE B 184 -3.15 -8.33 26.79
C PHE B 184 -3.09 -6.89 26.27
N THR B 185 -3.74 -5.96 26.98
CA THR B 185 -3.75 -4.55 26.61
C THR B 185 -2.60 -3.85 27.35
N ARG B 186 -1.71 -3.16 26.63
CA ARG B 186 -0.59 -2.45 27.28
C ARG B 186 -0.91 -0.97 27.48
N ILE B 187 -1.18 -0.56 28.71
CA ILE B 187 -1.49 0.84 29.02
C ILE B 187 -0.14 1.51 29.22
N ASN B 188 0.26 2.38 28.30
CA ASN B 188 1.56 3.05 28.41
C ASN B 188 1.66 4.32 29.23
N SER B 189 1.45 4.17 30.53
CA SER B 189 1.51 5.26 31.50
C SER B 189 1.62 4.65 32.91
N THR B 190 2.18 5.39 33.84
CA THR B 190 2.35 4.88 35.19
C THR B 190 1.30 5.27 36.22
N TYR B 191 0.89 4.29 37.02
CA TYR B 191 -0.11 4.53 38.06
C TYR B 191 0.24 3.76 39.32
N GLU B 192 -0.46 4.08 40.41
CA GLU B 192 -0.23 3.41 41.68
C GLU B 192 -1.03 2.11 41.61
N CYS B 193 -0.37 1.01 41.97
CA CYS B 193 -1.00 -0.30 41.95
C CYS B 193 -0.67 -1.13 43.19
N ASP B 194 -1.54 -2.09 43.51
CA ASP B 194 -1.32 -2.96 44.67
C ASP B 194 -1.35 -4.42 44.24
N VAL B 195 -1.99 -4.66 43.09
CA VAL B 195 -2.09 -6.02 42.54
C VAL B 195 -1.53 -6.00 41.11
N PHE B 196 -0.93 -7.11 40.70
CA PHE B 196 -0.35 -7.20 39.38
C PHE B 196 -0.49 -8.55 38.67
N PHE B 197 -0.45 -8.52 37.35
CA PHE B 197 -0.56 -9.72 36.55
C PHE B 197 0.76 -10.46 36.71
N PRO B 198 0.74 -11.80 36.63
CA PRO B 198 1.97 -12.59 36.79
C PRO B 198 2.97 -12.45 35.65
N GLU B 199 4.23 -12.72 35.97
CA GLU B 199 5.29 -12.63 34.97
C GLU B 199 5.08 -13.76 33.98
N ILE B 200 4.74 -13.39 32.75
CA ILE B 200 4.52 -14.37 31.70
C ILE B 200 5.80 -15.09 31.31
N ASN B 201 5.80 -16.41 31.50
CA ASN B 201 6.94 -17.25 31.17
C ASN B 201 7.08 -17.18 29.64
N GLU B 202 8.19 -16.62 29.15
CA GLU B 202 8.38 -16.51 27.72
C GLU B 202 8.55 -17.86 27.03
N ASN B 203 8.90 -18.89 27.78
CA ASN B 203 9.09 -20.22 27.22
C ASN B 203 7.74 -20.92 27.11
N GLU B 204 6.76 -20.45 27.89
CA GLU B 204 5.42 -21.02 27.90
C GLU B 204 4.47 -20.31 26.93
N TYR B 205 4.60 -18.99 26.83
CA TYR B 205 3.77 -18.18 25.95
C TYR B 205 4.61 -17.31 25.02
N GLN B 206 4.01 -16.89 23.91
CA GLN B 206 4.71 -16.04 22.97
C GLN B 206 3.69 -15.15 22.27
N ILE B 207 4.14 -13.94 21.93
CA ILE B 207 3.29 -12.97 21.26
C ILE B 207 3.15 -13.34 19.80
N ILE B 208 1.93 -13.33 19.29
CA ILE B 208 1.72 -13.67 17.90
C ILE B 208 1.10 -12.51 17.13
N SER B 209 0.59 -11.52 17.85
CA SER B 209 -0.03 -10.37 17.20
C SER B 209 0.01 -9.11 18.03
N VAL B 210 0.26 -8.00 17.33
CA VAL B 210 0.35 -6.69 17.95
C VAL B 210 -0.54 -5.78 17.15
N SER B 211 -1.24 -4.89 17.83
CA SER B 211 -2.12 -4.00 17.10
C SER B 211 -1.56 -2.62 16.88
N ASP B 212 -2.39 -1.79 16.27
CA ASP B 212 -2.05 -0.43 15.97
C ASP B 212 -1.95 0.24 17.35
N VAL B 213 -1.38 1.44 17.41
CA VAL B 213 -1.24 2.16 18.67
C VAL B 213 -2.29 3.23 18.71
N TYR B 214 -2.87 3.46 19.88
CA TYR B 214 -3.91 4.46 20.01
C TYR B 214 -3.72 5.33 21.23
N THR B 215 -4.51 6.39 21.27
CA THR B 215 -4.50 7.32 22.38
C THR B 215 -5.93 7.39 22.92
N SER B 216 -6.07 7.14 24.21
CA SER B 216 -7.38 7.17 24.87
C SER B 216 -7.14 7.68 26.29
N ASN B 217 -7.99 8.59 26.73
CA ASN B 217 -7.89 9.16 28.07
C ASN B 217 -6.46 9.52 28.47
N ASN B 218 -5.86 10.37 27.64
CA ASN B 218 -4.51 10.86 27.84
C ASN B 218 -3.36 9.90 28.00
N THR B 219 -3.39 8.82 27.25
CA THR B 219 -2.33 7.85 27.30
C THR B 219 -2.43 7.02 26.05
N THR B 220 -1.30 6.45 25.64
CA THR B 220 -1.32 5.63 24.46
C THR B 220 -1.41 4.22 25.01
N LEU B 221 -1.88 3.31 24.17
CA LEU B 221 -2.01 1.92 24.54
C LEU B 221 -2.09 1.10 23.27
N ASP B 222 -1.83 -0.19 23.38
CA ASP B 222 -1.91 -1.06 22.24
C ASP B 222 -2.39 -2.43 22.74
N PHE B 223 -2.76 -3.29 21.81
CA PHE B 223 -3.25 -4.62 22.15
C PHE B 223 -2.39 -5.73 21.56
N ILE B 224 -1.93 -6.63 22.40
CA ILE B 224 -1.11 -7.72 21.90
C ILE B 224 -1.76 -9.05 22.25
N ILE B 225 -1.40 -10.09 21.52
CA ILE B 225 -1.96 -11.39 21.78
C ILE B 225 -0.89 -12.45 22.04
N TYR B 226 -0.99 -13.10 23.20
CA TYR B 226 -0.05 -14.14 23.59
C TYR B 226 -0.72 -15.47 23.29
N LYS B 227 0.05 -16.40 22.73
CA LYS B 227 -0.47 -17.72 22.40
C LYS B 227 0.35 -18.79 23.14
N LYS B 228 -0.34 -19.82 23.63
CA LYS B 228 0.31 -20.90 24.35
C LYS B 228 1.26 -21.60 23.38
N THR B 229 2.54 -21.59 23.71
CA THR B 229 3.53 -22.23 22.85
C THR B 229 3.36 -23.72 23.04
N ASN B 230 3.72 -24.51 22.02
CA ASN B 230 3.59 -25.96 22.11
C ASN B 230 4.87 -26.61 22.64
N ASN B 231 5.19 -26.34 23.91
CA ASN B 231 6.38 -26.90 24.54
C ASN B 231 6.01 -27.48 25.90
N ASP C 2 -5.44 -27.07 10.44
CA ASP C 2 -6.35 -25.90 10.23
C ASP C 2 -6.24 -24.81 11.31
N ASP C 3 -5.94 -23.60 10.83
CA ASP C 3 -5.76 -22.38 11.62
C ASP C 3 -6.91 -21.36 11.57
N ASP C 4 -8.03 -21.65 12.21
CA ASP C 4 -9.14 -20.69 12.19
C ASP C 4 -9.24 -19.76 13.41
N GLU C 5 -8.44 -20.01 14.45
CA GLU C 5 -8.47 -19.16 15.64
C GLU C 5 -8.00 -17.74 15.33
N GLU C 6 -7.15 -17.61 14.30
CA GLU C 6 -6.63 -16.31 13.91
C GLU C 6 -7.74 -15.46 13.32
N GLU C 7 -8.67 -16.10 12.61
CA GLU C 7 -9.79 -15.41 11.98
C GLU C 7 -10.57 -14.57 12.97
N ASP C 8 -10.67 -15.04 14.21
CA ASP C 8 -11.40 -14.31 15.24
C ASP C 8 -10.56 -13.12 15.75
N ASP C 9 -9.24 -13.28 15.80
CA ASP C 9 -8.36 -12.21 16.26
C ASP C 9 -8.42 -11.03 15.30
N PHE C 10 -8.52 -11.34 14.01
CA PHE C 10 -8.60 -10.31 12.98
C PHE C 10 -9.81 -9.43 13.28
N VAL C 11 -10.92 -10.07 13.66
CA VAL C 11 -12.16 -9.37 13.99
C VAL C 11 -11.94 -8.45 15.20
N TYR C 12 -11.21 -8.95 16.19
CA TYR C 12 -10.96 -8.16 17.39
C TYR C 12 -10.19 -6.88 17.08
N PHE C 13 -9.13 -6.99 16.28
CA PHE C 13 -8.34 -5.82 15.94
C PHE C 13 -9.13 -4.76 15.18
N ASN C 14 -10.23 -5.17 14.54
CA ASN C 14 -11.06 -4.22 13.79
C ASN C 14 -12.19 -3.66 14.64
N PHE C 15 -12.05 -3.76 15.96
CA PHE C 15 -13.07 -3.27 16.88
C PHE C 15 -13.31 -1.77 16.83
N ASN C 16 -12.28 -0.99 16.51
CA ASN C 16 -12.47 0.45 16.46
C ASN C 16 -12.79 0.94 15.06
N LYS C 17 -12.80 0.04 14.10
CA LYS C 17 -13.12 0.45 12.74
C LYS C 17 -14.48 1.12 12.89
N GLU C 18 -14.77 2.02 11.96
CA GLU C 18 -16.01 2.79 11.93
C GLU C 18 -17.30 2.22 11.33
N LYS C 19 -18.39 2.93 11.59
CA LYS C 19 -19.74 2.59 11.13
C LYS C 19 -19.99 3.18 9.74
N GLU C 20 -21.24 3.13 9.31
CA GLU C 20 -21.57 3.67 8.00
C GLU C 20 -21.89 5.16 8.01
N GLU C 21 -21.96 5.80 9.18
CA GLU C 21 -22.26 7.22 9.09
C GLU C 21 -21.10 8.20 9.27
N LYS C 22 -19.88 7.76 9.11
CA LYS C 22 -18.81 8.73 9.24
C LYS C 22 -17.86 8.51 8.09
N ASN C 23 -18.38 7.76 7.10
CA ASN C 23 -17.65 7.48 5.87
C ASN C 23 -18.02 8.95 5.57
N LYS C 24 -17.56 9.60 4.53
CA LYS C 24 -18.00 10.99 4.46
C LYS C 24 -19.03 11.67 3.58
N ASN C 25 -18.95 11.46 2.29
CA ASN C 25 -19.90 12.10 1.40
C ASN C 25 -21.24 11.41 1.16
N SER C 26 -22.00 11.93 0.19
CA SER C 26 -23.31 11.38 -0.14
C SER C 26 -23.14 10.46 -1.35
N ILE C 27 -22.78 9.22 -1.07
CA ILE C 27 -22.59 8.22 -2.11
C ILE C 27 -23.74 7.23 -2.11
N HIS C 28 -24.33 7.01 -3.28
CA HIS C 28 -25.44 6.09 -3.43
C HIS C 28 -24.86 4.72 -3.80
N PRO C 29 -25.34 3.64 -3.14
CA PRO C 29 -24.82 2.30 -3.44
C PRO C 29 -24.65 1.97 -4.94
N ASN C 30 -25.73 2.04 -5.73
CA ASN C 30 -25.65 1.75 -7.16
C ASN C 30 -24.64 2.61 -7.94
N ASP C 31 -24.15 3.69 -7.32
CA ASP C 31 -23.18 4.55 -7.98
C ASP C 31 -21.99 3.80 -8.58
N PHE C 32 -21.51 2.78 -7.87
CA PHE C 32 -20.38 1.97 -8.31
C PHE C 32 -20.66 0.47 -8.27
N GLN C 33 -21.82 0.02 -8.73
CA GLN C 33 -22.12 -1.41 -8.69
C GLN C 33 -21.15 -2.25 -9.53
N ILE C 34 -20.88 -1.84 -10.76
CA ILE C 34 -19.95 -2.62 -11.58
C ILE C 34 -18.59 -2.58 -10.91
N TYR C 35 -18.09 -1.38 -10.63
CA TYR C 35 -16.80 -1.25 -9.97
C TYR C 35 -16.70 -2.15 -8.73
N ASN C 36 -17.70 -2.11 -7.87
CA ASN C 36 -17.66 -2.92 -6.67
C ASN C 36 -17.99 -4.40 -6.83
N SER C 37 -18.42 -4.78 -8.03
CA SER C 37 -18.76 -6.16 -8.31
C SER C 37 -17.52 -6.98 -8.68
N LEU C 38 -16.48 -6.32 -9.16
CA LEU C 38 -15.28 -7.06 -9.53
C LEU C 38 -14.65 -7.70 -8.32
N LYS C 39 -14.18 -8.94 -8.49
CA LYS C 39 -13.55 -9.64 -7.40
C LYS C 39 -12.08 -9.26 -7.35
N TYR C 40 -11.36 -9.44 -8.45
CA TYR C 40 -9.94 -9.10 -8.49
C TYR C 40 -9.70 -7.98 -9.50
N LYS C 41 -9.18 -6.87 -9.00
CA LYS C 41 -8.90 -5.70 -9.84
C LYS C 41 -7.39 -5.43 -9.90
N TYR C 42 -6.65 -6.35 -10.53
CA TYR C 42 -5.19 -6.23 -10.64
C TYR C 42 -4.62 -5.43 -11.81
N HIS C 43 -5.46 -5.09 -12.77
CA HIS C 43 -4.99 -4.32 -13.92
C HIS C 43 -4.42 -3.03 -13.29
N PRO C 44 -3.22 -2.59 -13.73
CA PRO C 44 -2.61 -1.39 -13.15
C PRO C 44 -3.45 -0.11 -13.18
N GLU C 45 -4.40 -0.01 -14.11
CA GLU C 45 -5.23 1.17 -14.19
C GLU C 45 -6.02 1.36 -12.91
N TYR C 46 -6.22 0.27 -12.16
CA TYR C 46 -6.97 0.38 -10.91
C TYR C 46 -6.20 1.19 -9.85
N GLN C 47 -4.92 1.47 -10.06
CA GLN C 47 -4.21 2.26 -9.07
C GLN C 47 -4.77 3.70 -9.14
N TYR C 48 -5.13 4.13 -10.33
CA TYR C 48 -5.68 5.44 -10.55
C TYR C 48 -7.17 5.40 -10.10
N LEU C 49 -7.95 4.47 -10.68
CA LEU C 49 -9.37 4.34 -10.33
C LEU C 49 -9.57 4.16 -8.82
N ASN C 50 -8.74 3.35 -8.17
CA ASN C 50 -8.90 3.16 -6.74
C ASN C 50 -8.67 4.47 -5.98
N ILE C 51 -7.81 5.34 -6.49
CA ILE C 51 -7.55 6.60 -5.79
C ILE C 51 -8.80 7.48 -5.94
N ILE C 52 -9.38 7.53 -7.13
CA ILE C 52 -10.58 8.31 -7.41
C ILE C 52 -11.63 7.86 -6.40
N TYR C 53 -11.85 6.55 -6.38
CA TYR C 53 -12.81 5.95 -5.48
C TYR C 53 -12.53 6.35 -4.04
N ASP C 54 -11.26 6.28 -3.62
CA ASP C 54 -10.97 6.63 -2.24
C ASP C 54 -11.26 8.09 -1.93
N ILE C 55 -11.05 8.98 -2.89
CA ILE C 55 -11.31 10.38 -2.65
C ILE C 55 -12.83 10.62 -2.58
N MET C 56 -13.58 9.98 -3.47
CA MET C 56 -15.03 10.14 -3.48
C MET C 56 -15.70 9.63 -2.20
N MET C 57 -15.23 8.49 -1.72
CA MET C 57 -15.78 7.91 -0.51
C MET C 57 -15.26 8.52 0.79
N ASN C 58 -13.96 8.83 0.85
CA ASN C 58 -13.40 9.40 2.06
C ASN C 58 -12.77 10.79 1.98
N GLY C 59 -12.83 11.43 0.82
CA GLY C 59 -12.26 12.75 0.67
C GLY C 59 -12.77 13.80 1.64
N ASN C 60 -12.06 14.93 1.71
CA ASN C 60 -12.43 16.03 2.58
C ASN C 60 -13.03 17.11 1.71
N LYS C 61 -14.16 17.66 2.14
CA LYS C 61 -14.80 18.72 1.35
C LYS C 61 -14.01 19.99 1.63
N GLN C 62 -13.53 20.63 0.57
CA GLN C 62 -12.76 21.85 0.73
C GLN C 62 -12.98 22.73 -0.47
N SER C 63 -12.81 24.01 -0.23
CA SER C 63 -12.97 24.98 -1.30
C SER C 63 -11.55 25.09 -1.83
N ASP C 64 -11.38 25.80 -2.93
CA ASP C 64 -10.05 25.94 -3.47
C ASP C 64 -9.94 27.19 -4.29
N ARG C 65 -8.71 27.45 -4.72
CA ARG C 65 -8.36 28.60 -5.53
C ARG C 65 -9.28 28.85 -6.73
N THR C 66 -9.93 27.81 -7.23
CA THR C 66 -10.84 27.94 -8.39
C THR C 66 -12.27 28.30 -8.01
N GLY C 67 -12.62 28.08 -6.74
CA GLY C 67 -13.95 28.39 -6.27
C GLY C 67 -14.95 27.29 -6.58
N VAL C 68 -14.51 26.24 -7.29
CA VAL C 68 -15.39 25.11 -7.66
C VAL C 68 -15.62 24.13 -6.53
N GLY C 69 -14.63 23.97 -5.67
CA GLY C 69 -14.77 23.03 -4.57
C GLY C 69 -14.22 21.67 -4.99
N VAL C 70 -13.72 20.93 -4.01
CA VAL C 70 -13.16 19.64 -4.31
C VAL C 70 -13.30 18.72 -3.13
N LEU C 71 -12.96 17.46 -3.38
CA LEU C 71 -12.96 16.39 -2.39
C LEU C 71 -11.43 16.14 -2.46
N SER C 72 -10.76 16.04 -1.31
CA SER C 72 -9.33 15.84 -1.37
C SER C 72 -8.78 14.97 -0.30
N LYS C 73 -7.57 14.47 -0.57
CA LYS C 73 -6.82 13.61 0.32
C LYS C 73 -5.35 14.02 0.14
N PHE C 74 -4.50 13.53 1.03
CA PHE C 74 -3.11 13.89 0.98
C PHE C 74 -2.12 12.73 1.08
N GLY C 75 -1.33 12.54 0.02
CA GLY C 75 -0.33 11.48 0.00
C GLY C 75 -0.65 10.10 -0.56
N TYR C 76 -0.42 9.92 -1.86
CA TYR C 76 -0.66 8.65 -2.54
C TYR C 76 0.56 8.35 -3.42
N ILE C 77 0.68 7.09 -3.79
CA ILE C 77 1.77 6.67 -4.63
C ILE C 77 1.29 5.60 -5.61
N MET C 78 1.60 5.77 -6.89
CA MET C 78 1.22 4.81 -7.92
C MET C 78 2.53 4.33 -8.57
N LYS C 79 2.54 3.08 -9.04
CA LYS C 79 3.73 2.50 -9.70
C LYS C 79 3.31 1.76 -10.94
N PHE C 80 3.94 2.13 -12.05
CA PHE C 80 3.64 1.51 -13.32
C PHE C 80 4.93 0.85 -13.86
N ASP C 81 4.81 -0.41 -14.27
CA ASP C 81 5.95 -1.15 -14.79
C ASP C 81 6.09 -0.88 -16.30
N LEU C 82 6.92 0.09 -16.68
CA LEU C 82 7.12 0.43 -18.08
C LEU C 82 7.74 -0.67 -18.94
N SER C 83 8.35 -1.68 -18.31
CA SER C 83 8.93 -2.74 -19.11
C SER C 83 7.79 -3.63 -19.62
N GLN C 84 6.64 -3.61 -18.94
CA GLN C 84 5.50 -4.44 -19.35
C GLN C 84 4.35 -3.77 -20.12
N TYR C 85 4.25 -2.45 -20.07
CA TYR C 85 3.17 -1.74 -20.79
C TYR C 85 3.36 -0.23 -20.65
N PHE C 86 2.63 0.54 -21.47
CA PHE C 86 2.68 1.99 -21.44
C PHE C 86 1.34 2.36 -20.77
N PRO C 87 1.38 2.91 -19.55
CA PRO C 87 0.16 3.26 -18.81
C PRO C 87 -0.76 4.37 -19.29
N LEU C 88 -1.31 4.23 -20.50
CA LEU C 88 -2.22 5.23 -21.05
C LEU C 88 -3.61 4.77 -20.64
N LEU C 89 -4.27 5.49 -19.74
CA LEU C 89 -5.61 5.13 -19.30
C LEU C 89 -6.52 4.66 -20.42
N THR C 90 -7.24 3.58 -20.17
CA THR C 90 -8.14 3.03 -21.16
C THR C 90 -9.62 3.20 -20.89
N THR C 91 -9.96 3.63 -19.69
CA THR C 91 -11.36 3.81 -19.38
C THR C 91 -11.96 5.12 -19.93
N LYS C 92 -11.20 5.80 -20.77
CA LYS C 92 -11.66 7.05 -21.37
C LYS C 92 -10.62 7.31 -22.43
N LYS C 93 -10.97 8.05 -23.48
CA LYS C 93 -10.00 8.32 -24.54
C LYS C 93 -9.00 9.45 -24.26
N LEU C 94 -7.73 9.22 -24.59
CA LEU C 94 -6.69 10.22 -24.36
C LEU C 94 -5.79 10.34 -25.61
N PHE C 95 -5.40 11.56 -25.97
CA PHE C 95 -4.53 11.79 -27.14
C PHE C 95 -3.22 12.30 -26.55
N LEU C 96 -2.10 11.93 -27.14
CA LEU C 96 -0.81 12.36 -26.64
C LEU C 96 -0.01 13.39 -27.46
N ARG C 97 -0.51 13.82 -28.61
CA ARG C 97 0.24 14.78 -29.41
C ARG C 97 0.61 16.02 -28.61
N GLY C 98 -0.38 16.61 -27.94
CA GLY C 98 -0.13 17.80 -27.14
C GLY C 98 0.89 17.62 -26.00
N ILE C 99 0.69 16.64 -25.13
CA ILE C 99 1.64 16.48 -24.04
C ILE C 99 3.04 16.14 -24.49
N ILE C 100 3.18 15.52 -25.68
CA ILE C 100 4.51 15.18 -26.18
C ILE C 100 5.14 16.51 -26.66
N GLU C 101 4.37 17.29 -27.43
CA GLU C 101 4.90 18.57 -27.91
C GLU C 101 5.30 19.41 -26.69
N GLU C 102 4.49 19.37 -25.63
CA GLU C 102 4.79 20.13 -24.41
C GLU C 102 6.17 19.69 -23.85
N LEU C 103 6.36 18.38 -23.79
CA LEU C 103 7.61 17.80 -23.29
C LEU C 103 8.82 18.23 -24.14
N LEU C 104 8.64 18.28 -25.45
CA LEU C 104 9.73 18.68 -26.33
C LEU C 104 10.01 20.18 -26.11
N TRP C 105 8.94 20.92 -25.84
CA TRP C 105 9.00 22.36 -25.59
C TRP C 105 9.79 22.56 -24.26
N PHE C 106 9.56 21.68 -23.26
CA PHE C 106 10.28 21.80 -21.98
C PHE C 106 11.77 21.54 -22.22
N ILE C 107 12.05 20.43 -22.91
CA ILE C 107 13.43 20.06 -23.20
C ILE C 107 14.19 21.14 -23.93
N ARG C 108 13.52 21.90 -24.79
CA ARG C 108 14.21 22.96 -25.53
C ARG C 108 14.42 24.17 -24.62
N GLY C 109 13.87 24.11 -23.41
CA GLY C 109 14.01 25.21 -22.46
C GLY C 109 13.12 26.41 -22.79
N GLU C 110 12.08 26.23 -23.60
CA GLU C 110 11.19 27.32 -23.97
C GLU C 110 10.18 27.77 -22.91
N THR C 111 9.79 29.02 -23.03
CA THR C 111 8.82 29.60 -22.12
C THR C 111 7.83 30.41 -22.95
N ASN C 112 7.92 30.26 -24.28
CA ASN C 112 7.04 30.98 -25.20
C ASN C 112 5.78 30.19 -25.53
N GLY C 113 4.66 30.60 -24.95
CA GLY C 113 3.40 29.93 -25.22
C GLY C 113 3.00 29.94 -26.68
N ASN C 114 3.42 30.95 -27.45
CA ASN C 114 3.04 31.00 -28.89
C ASN C 114 3.57 29.78 -29.64
N THR C 115 4.73 29.25 -29.24
CA THR C 115 5.30 28.08 -29.90
C THR C 115 4.29 26.92 -29.87
N LEU C 116 3.64 26.70 -28.72
CA LEU C 116 2.66 25.62 -28.62
C LEU C 116 1.38 25.95 -29.38
N LEU C 117 0.88 27.18 -29.22
CA LEU C 117 -0.34 27.58 -29.92
C LEU C 117 -0.21 27.35 -31.44
N ASN C 118 0.95 27.65 -32.00
CA ASN C 118 1.19 27.47 -33.43
C ASN C 118 1.14 26.00 -33.88
N LYS C 119 1.17 25.09 -32.92
CA LYS C 119 1.10 23.66 -33.23
C LYS C 119 -0.27 23.19 -32.80
N ASN C 120 -1.13 24.15 -32.48
CA ASN C 120 -2.49 23.89 -32.02
C ASN C 120 -2.56 23.05 -30.73
N VAL C 121 -1.67 23.36 -29.80
CA VAL C 121 -1.56 22.69 -28.49
C VAL C 121 -1.95 23.87 -27.55
N ARG C 122 -3.11 23.76 -26.91
CA ARG C 122 -3.60 24.80 -26.03
C ARG C 122 -3.50 24.56 -24.54
N ILE C 123 -2.68 23.61 -24.15
CA ILE C 123 -2.51 23.29 -22.75
C ILE C 123 -2.19 24.51 -21.87
N TRP C 124 -1.34 25.40 -22.41
CA TRP C 124 -0.93 26.61 -21.68
C TRP C 124 -1.60 27.91 -22.08
N GLU C 125 -2.60 27.83 -22.95
CA GLU C 125 -3.31 29.02 -23.42
C GLU C 125 -3.90 29.89 -22.30
N ALA C 126 -4.78 29.31 -21.50
CA ALA C 126 -5.38 30.06 -20.42
C ALA C 126 -4.39 30.74 -19.46
N ASN C 127 -3.21 30.14 -19.25
CA ASN C 127 -2.24 30.74 -18.34
C ASN C 127 -1.41 31.86 -18.93
N GLY C 128 -1.60 32.14 -20.22
CA GLY C 128 -0.85 33.19 -20.83
C GLY C 128 -1.66 34.39 -21.33
N THR C 129 -2.95 34.50 -20.94
CA THR C 129 -3.76 35.63 -21.38
C THR C 129 -3.44 36.90 -20.63
N ARG C 130 -3.77 38.03 -21.24
CA ARG C 130 -3.52 39.35 -20.64
C ARG C 130 -4.14 39.33 -19.25
N GLU C 131 -5.38 38.85 -19.18
CA GLU C 131 -6.12 38.78 -17.94
C GLU C 131 -5.45 37.90 -16.89
N PHE C 132 -5.02 36.71 -17.28
CA PHE C 132 -4.38 35.81 -16.34
C PHE C 132 -3.07 36.40 -15.82
N LEU C 133 -2.23 36.89 -16.72
CA LEU C 133 -0.95 37.48 -16.33
C LEU C 133 -1.18 38.66 -15.38
N ASP C 134 -2.19 39.48 -15.69
CA ASP C 134 -2.48 40.62 -14.85
C ASP C 134 -2.93 40.17 -13.47
N ASN C 135 -3.72 39.11 -13.39
CA ASN C 135 -4.15 38.67 -12.08
C ASN C 135 -2.98 38.16 -11.22
N ARG C 136 -1.88 37.77 -11.86
CA ARG C 136 -0.69 37.28 -11.16
C ARG C 136 0.21 38.48 -10.91
N LYS C 137 -0.27 39.67 -11.29
CA LYS C 137 0.47 40.92 -11.12
C LYS C 137 1.65 40.97 -12.10
N LEU C 138 1.54 40.26 -13.22
CA LEU C 138 2.63 40.29 -14.20
C LEU C 138 2.23 41.28 -15.29
N PHE C 139 2.00 42.54 -14.89
CA PHE C 139 1.61 43.60 -15.82
C PHE C 139 2.56 43.88 -16.98
N HIS C 140 3.86 43.69 -16.74
CA HIS C 140 4.86 43.94 -17.75
C HIS C 140 5.31 42.72 -18.52
N ARG C 141 4.47 41.70 -18.51
CA ARG C 141 4.78 40.47 -19.21
C ARG C 141 3.92 40.38 -20.49
N GLU C 142 4.56 40.09 -21.61
CA GLU C 142 3.87 39.97 -22.89
C GLU C 142 2.93 38.75 -22.86
N VAL C 143 1.81 38.85 -23.57
CA VAL C 143 0.84 37.75 -23.61
C VAL C 143 1.58 36.47 -24.03
N ASN C 144 1.30 35.37 -23.35
CA ASN C 144 1.94 34.09 -23.63
C ASN C 144 3.43 34.00 -23.20
N ASP C 145 3.95 34.98 -22.48
CA ASP C 145 5.33 34.89 -22.03
C ASP C 145 5.11 34.29 -20.62
N LEU C 146 5.15 32.96 -20.53
CA LEU C 146 4.93 32.26 -19.26
C LEU C 146 5.95 32.45 -18.12
N GLY C 147 7.05 33.11 -18.39
CA GLY C 147 8.00 33.30 -17.30
C GLY C 147 8.92 32.10 -17.14
N PRO C 148 9.72 32.09 -16.06
CA PRO C 148 10.67 30.99 -15.79
C PRO C 148 10.09 29.69 -15.29
N ILE C 149 9.25 29.06 -16.11
CA ILE C 149 8.61 27.78 -15.79
C ILE C 149 9.47 26.57 -16.13
N TYR C 150 8.89 25.38 -16.06
CA TYR C 150 9.60 24.12 -16.34
C TYR C 150 10.82 24.15 -17.23
N GLY C 151 10.59 24.43 -18.51
CA GLY C 151 11.67 24.48 -19.46
C GLY C 151 12.84 25.30 -19.02
N PHE C 152 12.54 26.50 -18.55
CA PHE C 152 13.55 27.42 -18.08
C PHE C 152 14.36 26.91 -16.89
N GLN C 153 13.68 26.31 -15.93
CA GLN C 153 14.34 25.77 -14.74
C GLN C 153 15.15 24.51 -15.09
N TRP C 154 14.68 23.73 -16.06
CA TRP C 154 15.37 22.53 -16.47
C TRP C 154 16.72 22.80 -17.14
N ARG C 155 16.79 23.86 -17.95
CA ARG C 155 18.02 24.20 -18.64
C ARG C 155 18.76 25.42 -18.10
N HIS C 156 18.10 26.26 -17.32
CA HIS C 156 18.75 27.47 -16.79
C HIS C 156 18.43 27.84 -15.34
N PHE C 157 18.24 26.85 -14.47
CA PHE C 157 17.91 27.16 -13.08
C PHE C 157 18.90 28.17 -12.49
N GLY C 158 18.35 29.22 -11.89
CA GLY C 158 19.17 30.23 -11.28
C GLY C 158 19.43 31.46 -12.13
N ALA C 159 19.34 31.33 -13.44
CA ALA C 159 19.57 32.49 -14.31
C ALA C 159 18.45 33.53 -14.08
N GLU C 160 18.75 34.78 -14.43
CA GLU C 160 17.79 35.88 -14.29
C GLU C 160 16.85 35.83 -15.50
N TYR C 161 15.56 35.75 -15.26
CA TYR C 161 14.65 35.70 -16.38
C TYR C 161 14.39 37.13 -16.88
N THR C 162 14.35 37.32 -18.20
CA THR C 162 14.11 38.64 -18.77
C THR C 162 12.81 38.53 -19.54
N ASN C 163 12.83 37.94 -20.72
CA ASN C 163 11.63 37.75 -21.55
C ASN C 163 11.83 36.45 -22.31
N MET C 164 10.74 35.90 -22.82
CA MET C 164 10.75 34.66 -23.56
C MET C 164 11.60 34.57 -24.82
N TYR C 165 12.05 35.71 -25.33
CA TYR C 165 12.86 35.73 -26.55
C TYR C 165 14.35 35.83 -26.27
N ASP C 166 14.75 36.08 -25.03
CA ASP C 166 16.17 36.19 -24.76
C ASP C 166 16.97 34.89 -25.04
N ASN C 167 18.27 35.05 -25.23
CA ASN C 167 19.18 33.95 -25.49
C ASN C 167 19.72 33.62 -24.08
N TYR C 168 19.44 32.46 -23.53
CA TYR C 168 19.93 32.14 -22.19
C TYR C 168 21.12 31.16 -22.17
N GLU C 169 21.74 30.93 -23.31
CA GLU C 169 22.88 30.02 -23.40
C GLU C 169 23.89 30.17 -22.29
N ASN C 170 24.21 29.05 -21.68
CA ASN C 170 25.14 28.98 -20.60
C ASN C 170 24.86 29.81 -19.36
N LYS C 171 23.60 30.15 -19.15
CA LYS C 171 23.23 30.93 -17.96
C LYS C 171 22.42 29.97 -17.12
N GLY C 172 22.66 29.96 -15.81
CA GLY C 172 21.91 29.06 -14.98
C GLY C 172 22.43 27.64 -15.08
N VAL C 173 21.87 26.78 -14.25
CA VAL C 173 22.29 25.40 -14.23
C VAL C 173 21.48 24.56 -15.21
N ASP C 174 22.18 23.84 -16.08
CA ASP C 174 21.48 23.00 -17.04
C ASP C 174 21.26 21.63 -16.34
N GLN C 175 20.20 21.56 -15.54
CA GLN C 175 19.87 20.34 -14.80
C GLN C 175 19.65 19.13 -15.64
N LEU C 176 18.97 19.32 -16.76
CA LEU C 176 18.71 18.21 -17.64
C LEU C 176 20.02 17.58 -18.08
N LYS C 177 20.91 18.40 -18.63
CA LYS C 177 22.19 17.90 -19.09
C LYS C 177 22.90 17.19 -17.93
N ASN C 178 22.87 17.81 -16.75
CA ASN C 178 23.54 17.19 -15.62
C ASN C 178 22.98 15.85 -15.22
N ILE C 179 21.65 15.70 -15.20
CA ILE C 179 21.15 14.40 -14.80
C ILE C 179 21.48 13.32 -15.82
N ILE C 180 21.47 13.65 -17.10
CA ILE C 180 21.81 12.64 -18.10
C ILE C 180 23.27 12.20 -17.89
N ASN C 181 24.15 13.15 -17.55
CA ASN C 181 25.53 12.79 -17.32
C ASN C 181 25.69 11.88 -16.11
N LEU C 182 24.94 12.16 -15.06
CA LEU C 182 25.01 11.35 -13.84
C LEU C 182 24.46 9.96 -14.06
N ILE C 183 23.41 9.85 -14.87
CA ILE C 183 22.84 8.55 -15.13
C ILE C 183 23.86 7.72 -15.94
N LYS C 184 24.58 8.37 -16.87
CA LYS C 184 25.58 7.69 -17.70
C LYS C 184 26.88 7.35 -16.99
N ASN C 185 27.38 8.30 -16.19
CA ASN C 185 28.63 8.12 -15.46
C ASN C 185 28.69 7.90 -13.95
N ASP C 186 27.59 8.11 -13.23
CA ASP C 186 27.63 7.90 -11.79
C ASP C 186 26.23 7.39 -11.44
N PRO C 187 25.81 6.29 -12.10
CA PRO C 187 24.49 5.65 -11.95
C PRO C 187 23.97 5.33 -10.56
N THR C 188 24.88 5.06 -9.63
CA THR C 188 24.48 4.73 -8.26
C THR C 188 24.31 5.98 -7.42
N SER C 189 24.45 7.14 -8.05
CA SER C 189 24.29 8.42 -7.35
C SER C 189 22.86 8.52 -6.80
N ARG C 190 22.71 9.17 -5.67
CA ARG C 190 21.39 9.35 -5.06
C ARG C 190 21.03 10.83 -5.14
N ARG C 191 21.65 11.52 -6.11
CA ARG C 191 21.42 12.94 -6.31
C ARG C 191 20.98 13.24 -7.72
N ILE C 192 20.43 12.24 -8.40
CA ILE C 192 19.97 12.46 -9.76
C ILE C 192 18.53 12.98 -9.68
N LEU C 193 18.40 14.28 -9.45
CA LEU C 193 17.10 14.93 -9.33
C LEU C 193 16.97 16.10 -10.27
N LEU C 194 15.80 16.26 -10.86
CA LEU C 194 15.51 17.35 -11.77
C LEU C 194 14.42 18.11 -11.02
N CYS C 195 14.71 19.33 -10.57
CA CYS C 195 13.75 20.15 -9.81
C CYS C 195 13.26 21.43 -10.50
N ALA C 196 11.94 21.58 -10.55
CA ALA C 196 11.35 22.76 -11.19
C ALA C 196 10.86 23.79 -10.18
N TRP C 197 10.78 23.41 -8.92
CA TRP C 197 10.33 24.34 -7.90
C TRP C 197 11.43 25.30 -7.45
N ASN C 198 11.63 26.36 -8.21
CA ASN C 198 12.65 27.36 -7.88
C ASN C 198 11.95 28.43 -7.04
N VAL C 199 12.09 28.33 -5.72
CA VAL C 199 11.45 29.26 -4.78
C VAL C 199 11.60 30.74 -5.14
N LYS C 200 12.78 31.11 -5.62
CA LYS C 200 13.04 32.49 -5.99
C LYS C 200 12.26 33.00 -7.19
N ASP C 201 11.91 32.13 -8.11
CA ASP C 201 11.18 32.54 -9.29
C ASP C 201 9.70 32.23 -9.29
N LEU C 202 9.19 31.62 -8.23
CA LEU C 202 7.77 31.28 -8.22
C LEU C 202 6.83 32.41 -8.70
N ASP C 203 6.93 33.58 -8.08
CA ASP C 203 6.07 34.72 -8.44
C ASP C 203 6.15 35.19 -9.88
N GLN C 204 7.29 34.96 -10.54
CA GLN C 204 7.45 35.39 -11.92
C GLN C 204 6.86 34.37 -12.87
N MET C 205 6.50 33.21 -12.35
CA MET C 205 5.92 32.16 -13.19
C MET C 205 4.43 32.39 -13.41
N ALA C 206 3.95 32.09 -14.61
CA ALA C 206 2.53 32.27 -14.91
C ALA C 206 1.83 31.61 -13.73
N LEU C 207 2.36 30.47 -13.31
CA LEU C 207 1.83 29.72 -12.16
C LEU C 207 2.90 28.74 -11.66
N PRO C 208 2.99 28.54 -10.34
CA PRO C 208 4.03 27.61 -9.82
C PRO C 208 3.83 26.20 -10.37
N PRO C 209 4.93 25.48 -10.60
CA PRO C 209 4.79 24.12 -11.14
C PRO C 209 4.06 23.14 -10.26
N CYS C 210 3.35 22.20 -10.88
CA CYS C 210 2.61 21.17 -10.13
C CYS C 210 3.56 19.95 -9.97
N HIS C 211 4.41 19.70 -10.97
CA HIS C 211 5.35 18.56 -10.93
C HIS C 211 6.62 19.12 -10.40
N ILE C 212 6.78 19.01 -9.10
CA ILE C 212 7.94 19.51 -8.39
C ILE C 212 9.29 18.93 -8.79
N LEU C 213 9.40 17.62 -8.84
CA LEU C 213 10.68 17.03 -9.20
C LEU C 213 10.60 15.60 -9.68
N CYS C 214 11.70 15.19 -10.27
CA CYS C 214 11.89 13.87 -10.82
C CYS C 214 13.15 13.32 -10.23
N GLN C 215 13.12 12.11 -9.68
CA GLN C 215 14.35 11.56 -9.14
C GLN C 215 14.54 10.24 -9.89
N PHE C 216 15.79 9.97 -10.30
CA PHE C 216 16.11 8.77 -11.04
C PHE C 216 16.89 7.73 -10.27
N TYR C 217 16.67 6.48 -10.66
CA TYR C 217 17.33 5.36 -10.01
C TYR C 217 17.78 4.42 -11.12
N VAL C 218 19.02 3.95 -11.01
CA VAL C 218 19.57 3.05 -12.01
C VAL C 218 20.08 1.76 -11.39
N PHE C 219 19.70 0.64 -11.98
CA PHE C 219 20.15 -0.67 -11.49
C PHE C 219 20.10 -1.67 -12.62
N ASP C 220 21.14 -2.48 -12.70
CA ASP C 220 21.25 -3.50 -13.71
C ASP C 220 20.82 -3.06 -15.12
N GLY C 221 21.30 -1.91 -15.56
CA GLY C 221 20.91 -1.45 -16.90
C GLY C 221 19.47 -0.96 -17.04
N LYS C 222 18.80 -0.75 -15.91
CA LYS C 222 17.42 -0.28 -15.98
C LYS C 222 17.22 1.05 -15.24
N LEU C 223 16.36 1.88 -15.84
CA LEU C 223 16.07 3.19 -15.27
C LEU C 223 14.66 3.31 -14.71
N SER C 224 14.57 3.79 -13.48
CA SER C 224 13.28 4.00 -12.84
C SER C 224 13.25 5.49 -12.48
N CYS C 225 12.03 6.03 -12.42
CA CYS C 225 11.81 7.44 -12.10
C CYS C 225 10.62 7.71 -11.16
N ILE C 226 10.85 8.59 -10.19
CA ILE C 226 9.84 8.98 -9.22
C ILE C 226 9.56 10.45 -9.54
N MET C 227 8.30 10.83 -9.60
CA MET C 227 7.95 12.22 -9.86
C MET C 227 7.04 12.60 -8.73
N TYR C 228 7.31 13.73 -8.08
CA TYR C 228 6.48 14.18 -6.98
C TYR C 228 5.57 15.31 -7.49
N GLN C 229 4.25 15.14 -7.34
CA GLN C 229 3.30 16.14 -7.81
C GLN C 229 2.63 16.74 -6.59
N ARG C 230 2.83 18.04 -6.38
CA ARG C 230 2.25 18.73 -5.22
C ARG C 230 0.76 18.97 -5.27
N SER C 231 0.22 19.00 -6.48
CA SER C 231 -1.19 19.26 -6.65
C SER C 231 -1.69 18.42 -7.80
N CYS C 232 -2.67 17.58 -7.52
CA CYS C 232 -3.13 16.72 -8.59
C CYS C 232 -4.64 16.67 -8.84
N ASP C 233 -5.02 17.10 -10.04
CA ASP C 233 -6.39 17.12 -10.51
C ASP C 233 -6.64 15.71 -11.04
N LEU C 234 -7.20 14.84 -10.20
CA LEU C 234 -7.45 13.48 -10.61
C LEU C 234 -8.27 13.28 -11.87
N GLY C 235 -9.36 14.03 -12.01
CA GLY C 235 -10.18 13.88 -13.19
C GLY C 235 -9.57 14.29 -14.51
N LEU C 236 -8.88 15.42 -14.56
CA LEU C 236 -8.29 15.86 -15.82
C LEU C 236 -6.78 15.82 -16.01
N GLY C 237 -6.06 16.30 -14.99
CA GLY C 237 -4.61 16.33 -15.09
C GLY C 237 -3.84 15.03 -14.95
N VAL C 238 -4.01 14.36 -13.82
CA VAL C 238 -3.30 13.11 -13.55
C VAL C 238 -3.21 12.12 -14.70
N PRO C 239 -4.32 11.86 -15.41
CA PRO C 239 -4.16 10.88 -16.52
C PRO C 239 -3.07 11.28 -17.51
N PHE C 240 -3.01 12.58 -17.82
CA PHE C 240 -2.00 13.09 -18.75
C PHE C 240 -0.62 13.12 -18.14
N ASN C 241 -0.56 13.46 -16.86
CA ASN C 241 0.72 13.55 -16.13
C ASN C 241 1.44 12.18 -16.12
N ILE C 242 0.68 11.12 -15.88
CA ILE C 242 1.24 9.78 -15.84
C ILE C 242 1.86 9.50 -17.20
N ALA C 243 1.15 9.86 -18.26
CA ALA C 243 1.64 9.64 -19.61
C ALA C 243 2.86 10.49 -19.92
N SER C 244 2.86 11.74 -19.48
CA SER C 244 4.00 12.61 -19.74
C SER C 244 5.30 12.07 -19.16
N TYR C 245 5.32 11.78 -17.86
CA TYR C 245 6.52 11.28 -17.23
C TYR C 245 6.92 9.86 -17.61
N SER C 246 5.98 9.07 -18.14
CA SER C 246 6.28 7.71 -18.56
C SER C 246 7.05 7.91 -19.90
N ILE C 247 6.60 8.83 -20.73
CA ILE C 247 7.28 9.08 -22.01
C ILE C 247 8.69 9.64 -21.72
N PHE C 248 8.76 10.59 -20.78
CA PHE C 248 10.04 11.21 -20.41
C PHE C 248 10.97 10.11 -19.89
N THR C 249 10.45 9.20 -19.07
CA THR C 249 11.30 8.14 -18.55
C THR C 249 11.86 7.31 -19.74
N HIS C 250 11.01 7.01 -20.73
CA HIS C 250 11.47 6.24 -21.89
C HIS C 250 12.55 7.03 -22.64
N MET C 251 12.33 8.34 -22.84
CA MET C 251 13.31 9.16 -23.54
C MET C 251 14.66 9.17 -22.81
N ILE C 252 14.63 9.47 -21.52
CA ILE C 252 15.85 9.51 -20.75
C ILE C 252 16.58 8.17 -20.74
N ALA C 253 15.83 7.08 -20.65
CA ALA C 253 16.45 5.76 -20.65
C ALA C 253 17.11 5.50 -21.99
N GLN C 254 16.39 5.77 -23.07
CA GLN C 254 16.97 5.53 -24.36
C GLN C 254 18.27 6.29 -24.63
N VAL C 255 18.31 7.60 -24.39
CA VAL C 255 19.55 8.33 -24.65
C VAL C 255 20.68 7.98 -23.68
N CYS C 256 20.38 7.16 -22.68
CA CYS C 256 21.40 6.74 -21.71
C CYS C 256 21.71 5.23 -21.85
N ASN C 257 21.19 4.64 -22.92
CA ASN C 257 21.38 3.22 -23.21
C ASN C 257 20.87 2.30 -22.08
N LEU C 258 19.73 2.65 -21.50
CA LEU C 258 19.16 1.84 -20.43
C LEU C 258 17.76 1.45 -20.87
N GLN C 259 17.19 0.48 -20.18
CA GLN C 259 15.84 0.06 -20.52
C GLN C 259 14.96 0.69 -19.43
N PRO C 260 13.80 1.22 -19.82
CA PRO C 260 12.93 1.83 -18.81
C PRO C 260 12.35 0.77 -17.88
N ALA C 261 12.25 1.07 -16.59
CA ALA C 261 11.70 0.12 -15.64
C ALA C 261 10.40 0.70 -15.02
N GLN C 262 10.47 1.24 -13.81
CA GLN C 262 9.27 1.79 -13.19
C GLN C 262 9.08 3.29 -13.18
N PHE C 263 7.84 3.75 -13.37
CA PHE C 263 7.54 5.18 -13.31
C PHE C 263 6.77 5.18 -11.99
N ILE C 264 7.25 5.90 -10.99
CA ILE C 264 6.60 5.96 -9.69
C ILE C 264 6.08 7.38 -9.54
N HIS C 265 4.77 7.47 -9.33
CA HIS C 265 4.07 8.76 -9.20
C HIS C 265 3.61 9.06 -7.80
N VAL C 266 4.18 10.11 -7.21
CA VAL C 266 3.80 10.47 -5.85
C VAL C 266 2.87 11.70 -5.88
N LEU C 267 1.71 11.56 -5.26
CA LEU C 267 0.73 12.64 -5.22
C LEU C 267 0.62 13.29 -3.85
N GLY C 268 0.80 14.61 -3.82
CA GLY C 268 0.69 15.33 -2.55
C GLY C 268 -0.80 15.63 -2.36
N ASN C 269 -1.26 16.83 -2.77
CA ASN C 269 -2.68 17.19 -2.61
C ASN C 269 -3.42 16.60 -3.80
N ALA C 270 -4.10 15.49 -3.54
CA ALA C 270 -4.86 14.79 -4.59
C ALA C 270 -6.33 15.16 -4.45
N HIS C 271 -6.86 15.74 -5.50
CA HIS C 271 -8.25 16.15 -5.45
C HIS C 271 -9.08 15.87 -6.67
N VAL C 272 -10.38 15.79 -6.41
CA VAL C 272 -11.38 15.54 -7.43
C VAL C 272 -12.29 16.76 -7.40
N TYR C 273 -12.40 17.48 -8.51
CA TYR C 273 -13.27 18.65 -8.58
C TYR C 273 -14.76 18.22 -8.62
N ASN C 274 -15.61 19.01 -7.96
CA ASN C 274 -17.03 18.68 -7.91
C ASN C 274 -17.68 18.58 -9.27
N ASN C 275 -17.33 19.46 -10.19
CA ASN C 275 -17.94 19.36 -11.50
C ASN C 275 -17.46 18.11 -12.28
N HIS C 276 -16.63 17.26 -11.67
CA HIS C 276 -16.11 16.05 -12.32
C HIS C 276 -16.70 14.75 -11.77
N ILE C 277 -17.31 14.85 -10.60
CA ILE C 277 -17.90 13.69 -9.95
C ILE C 277 -18.78 12.75 -10.75
N ASP C 278 -19.76 13.29 -11.48
CA ASP C 278 -20.64 12.45 -12.27
C ASP C 278 -19.89 11.74 -13.41
N SER C 279 -18.93 12.42 -14.03
CA SER C 279 -18.20 11.77 -15.11
C SER C 279 -17.31 10.65 -14.56
N LEU C 280 -16.72 10.87 -13.39
CA LEU C 280 -15.85 9.87 -12.78
C LEU C 280 -16.65 8.66 -12.27
N LYS C 281 -17.92 8.87 -11.90
CA LYS C 281 -18.75 7.76 -11.42
C LYS C 281 -18.95 6.87 -12.65
N ILE C 282 -19.13 7.49 -13.81
CA ILE C 282 -19.31 6.74 -15.03
C ILE C 282 -18.01 5.98 -15.37
N GLN C 283 -16.86 6.68 -15.34
CA GLN C 283 -15.57 6.05 -15.65
C GLN C 283 -15.20 4.85 -14.79
N LEU C 284 -15.47 4.94 -13.50
CA LEU C 284 -15.17 3.87 -12.55
C LEU C 284 -15.94 2.57 -12.76
N ASN C 285 -16.99 2.60 -13.56
CA ASN C 285 -17.77 1.39 -13.78
C ASN C 285 -17.39 0.79 -15.13
N ARG C 286 -16.35 1.34 -15.74
CA ARG C 286 -15.86 0.86 -17.02
C ARG C 286 -14.70 -0.08 -16.69
N ILE C 287 -14.56 -1.19 -17.41
CA ILE C 287 -13.48 -2.13 -17.14
C ILE C 287 -12.35 -1.84 -18.09
N PRO C 288 -11.12 -1.75 -17.57
CA PRO C 288 -9.95 -1.45 -18.41
C PRO C 288 -9.63 -2.52 -19.46
N TYR C 289 -8.93 -2.08 -20.50
CA TYR C 289 -8.51 -2.93 -21.59
C TYR C 289 -6.99 -3.09 -21.42
N PRO C 290 -6.40 -4.12 -22.06
CA PRO C 290 -4.94 -4.19 -21.85
C PRO C 290 -4.32 -2.92 -22.41
N PHE C 291 -3.34 -2.42 -21.69
CA PHE C 291 -2.64 -1.21 -22.10
C PHE C 291 -1.98 -1.36 -23.44
N PRO C 292 -1.62 -0.22 -24.06
CA PRO C 292 -0.95 -0.17 -25.36
C PRO C 292 0.54 -0.13 -25.04
N THR C 293 1.38 0.01 -26.05
CA THR C 293 2.80 0.06 -25.84
C THR C 293 3.32 1.35 -26.49
N LEU C 294 4.50 1.79 -26.07
CA LEU C 294 5.11 3.01 -26.62
C LEU C 294 6.42 2.71 -27.36
N LYS C 295 6.51 3.14 -28.62
CA LYS C 295 7.72 2.91 -29.40
C LYS C 295 8.42 4.22 -29.78
N LEU C 296 9.71 4.29 -29.53
CA LEU C 296 10.52 5.48 -29.86
C LEU C 296 11.49 5.11 -30.96
N ASN C 297 11.76 6.09 -31.82
CA ASN C 297 12.69 5.91 -32.92
C ASN C 297 14.00 5.53 -32.21
N PRO C 298 14.49 4.30 -32.45
CA PRO C 298 15.73 3.86 -31.79
C PRO C 298 16.98 4.63 -32.14
N ASP C 299 16.94 5.40 -33.22
CA ASP C 299 18.10 6.17 -33.63
C ASP C 299 18.40 7.43 -32.82
N ILE C 300 17.38 8.00 -32.16
CA ILE C 300 17.59 9.21 -31.37
C ILE C 300 18.48 8.84 -30.17
N LYS C 301 19.66 9.46 -30.10
CA LYS C 301 20.61 9.18 -29.01
C LYS C 301 20.86 10.35 -28.07
N ASN C 302 20.25 11.50 -28.35
CA ASN C 302 20.42 12.68 -27.53
C ASN C 302 19.03 13.24 -27.20
N ILE C 303 18.84 13.53 -25.92
CA ILE C 303 17.59 14.06 -25.41
C ILE C 303 16.99 15.18 -26.23
N GLU C 304 17.84 15.99 -26.85
CA GLU C 304 17.37 17.11 -27.65
C GLU C 304 16.99 16.82 -29.10
N ASP C 305 17.29 15.62 -29.59
CA ASP C 305 16.96 15.30 -30.98
C ASP C 305 15.60 14.69 -31.26
N PHE C 306 14.76 14.56 -30.25
CA PHE C 306 13.45 13.97 -30.51
C PHE C 306 12.50 14.97 -31.17
N THR C 307 11.67 14.45 -32.07
CA THR C 307 10.68 15.23 -32.78
C THR C 307 9.37 14.44 -32.59
N ILE C 308 8.24 15.08 -32.82
CA ILE C 308 6.96 14.42 -32.65
C ILE C 308 6.76 13.12 -33.46
N SER C 309 7.45 12.99 -34.58
CA SER C 309 7.30 11.78 -35.39
C SER C 309 8.11 10.61 -34.86
N ASP C 310 8.93 10.85 -33.84
CA ASP C 310 9.73 9.78 -33.27
C ASP C 310 8.96 8.99 -32.22
N PHE C 311 7.69 9.31 -32.01
CA PHE C 311 6.91 8.60 -30.99
C PHE C 311 5.71 7.88 -31.54
N THR C 312 5.51 6.63 -31.13
CA THR C 312 4.35 5.89 -31.61
C THR C 312 3.68 5.06 -30.52
N ILE C 313 2.37 5.24 -30.38
CA ILE C 313 1.58 4.51 -29.41
C ILE C 313 0.89 3.40 -30.20
N GLN C 314 1.15 2.15 -29.83
CA GLN C 314 0.54 1.04 -30.55
C GLN C 314 -0.49 0.26 -29.76
N ASN C 315 -1.50 -0.22 -30.46
CA ASN C 315 -2.54 -1.00 -29.85
C ASN C 315 -3.31 -0.37 -28.71
N TYR C 316 -3.67 0.90 -28.87
CA TYR C 316 -4.41 1.60 -27.84
C TYR C 316 -5.88 1.21 -28.00
N VAL C 317 -6.42 0.49 -27.03
CA VAL C 317 -7.82 0.06 -27.06
C VAL C 317 -8.45 0.83 -25.90
N HIS C 318 -9.53 1.56 -26.15
CA HIS C 318 -10.14 2.33 -25.07
C HIS C 318 -11.64 2.56 -25.15
N HIS C 319 -12.21 2.99 -24.02
CA HIS C 319 -13.63 3.28 -23.96
C HIS C 319 -13.79 4.66 -24.61
N GLU C 320 -15.02 5.11 -24.82
CA GLU C 320 -15.17 6.41 -25.44
C GLU C 320 -14.79 7.61 -24.60
N LYS C 321 -14.43 8.67 -25.32
CA LYS C 321 -14.02 9.93 -24.71
C LYS C 321 -15.09 10.40 -23.74
N ILE C 322 -14.68 10.85 -22.57
CA ILE C 322 -15.63 11.34 -21.60
C ILE C 322 -15.37 12.82 -21.46
N SER C 323 -16.39 13.65 -21.59
CA SER C 323 -16.17 15.07 -21.44
C SER C 323 -16.16 15.29 -19.93
N MET C 324 -15.16 16.00 -19.40
CA MET C 324 -15.08 16.27 -17.96
C MET C 324 -15.44 17.76 -18.06
N ASP C 325 -16.76 17.97 -18.12
CA ASP C 325 -17.43 19.27 -18.23
C ASP C 325 -17.68 19.95 -16.91
N MET C 326 -17.91 21.26 -16.98
CA MET C 326 -18.19 22.09 -15.81
C MET C 326 -19.73 22.04 -15.69
N ALA C 327 -20.39 22.07 -16.84
CA ALA C 327 -21.84 22.03 -16.94
C ALA C 327 -22.37 20.67 -17.43
N ALA C 328 -21.81 20.20 -18.55
CA ALA C 328 -22.16 18.91 -19.20
C ALA C 328 -23.01 19.08 -20.46
N ASP D 1 -22.76 -13.46 -1.52
CA ASP D 1 -21.84 -13.81 -2.65
C ASP D 1 -20.73 -14.75 -2.14
N ASP D 2 -21.13 -15.97 -1.75
CA ASP D 2 -20.18 -16.97 -1.24
C ASP D 2 -19.79 -17.98 -2.32
N ASP D 3 -18.50 -18.01 -2.64
CA ASP D 3 -18.01 -18.93 -3.67
C ASP D 3 -16.69 -19.58 -3.23
N ASP D 4 -16.66 -20.90 -3.32
CA ASP D 4 -15.48 -21.67 -2.93
C ASP D 4 -14.26 -21.58 -3.85
N GLU D 5 -14.38 -22.16 -5.04
CA GLU D 5 -13.29 -22.16 -6.01
C GLU D 5 -12.85 -20.81 -6.58
N GLU D 6 -13.43 -19.72 -6.09
CA GLU D 6 -13.04 -18.41 -6.60
C GLU D 6 -11.69 -18.15 -5.93
N GLU D 7 -11.28 -19.13 -5.14
CA GLU D 7 -10.03 -19.12 -4.41
C GLU D 7 -9.01 -19.60 -5.46
N ASP D 8 -9.46 -20.50 -6.33
CA ASP D 8 -8.61 -21.04 -7.38
C ASP D 8 -8.25 -19.91 -8.34
N ASP D 9 -9.19 -18.98 -8.53
CA ASP D 9 -8.95 -17.85 -9.40
C ASP D 9 -7.75 -17.06 -8.90
N PHE D 10 -7.60 -16.99 -7.57
CA PHE D 10 -6.49 -16.27 -6.97
C PHE D 10 -5.20 -17.01 -7.35
N VAL D 11 -5.20 -18.32 -7.24
CA VAL D 11 -4.02 -19.08 -7.60
C VAL D 11 -3.66 -18.85 -9.07
N TYR D 12 -4.68 -18.78 -9.93
CA TYR D 12 -4.42 -18.57 -11.34
C TYR D 12 -3.73 -17.24 -11.62
N PHE D 13 -4.20 -16.18 -10.98
CA PHE D 13 -3.60 -14.87 -11.19
C PHE D 13 -2.15 -14.79 -10.69
N ASN D 14 -1.67 -15.83 -10.02
CA ASN D 14 -0.30 -15.86 -9.50
C ASN D 14 0.63 -16.78 -10.27
N PHE D 15 0.14 -17.33 -11.38
CA PHE D 15 0.93 -18.22 -12.19
C PHE D 15 2.30 -17.71 -12.60
N ASN D 16 2.52 -16.41 -12.57
CA ASN D 16 3.81 -15.87 -12.96
C ASN D 16 4.75 -15.37 -11.82
N LYS D 17 4.57 -15.91 -10.62
CA LYS D 17 5.40 -15.51 -9.48
C LYS D 17 6.72 -16.29 -9.47
N GLU D 18 7.81 -15.66 -9.03
CA GLU D 18 9.12 -16.33 -8.99
C GLU D 18 9.22 -17.54 -8.05
N LYS D 19 10.18 -18.44 -8.31
CA LYS D 19 10.36 -19.63 -7.47
C LYS D 19 11.83 -19.98 -7.11
N GLU D 20 12.78 -19.08 -7.39
CA GLU D 20 14.20 -19.35 -7.07
C GLU D 20 14.53 -19.66 -5.61
N GLU D 21 15.81 -19.95 -5.34
CA GLU D 21 16.22 -20.26 -3.96
C GLU D 21 17.16 -19.25 -3.32
N LYS D 22 18.06 -18.65 -4.09
CA LYS D 22 18.92 -17.67 -3.47
C LYS D 22 17.86 -16.57 -3.49
N ASN D 23 17.25 -16.22 -2.35
CA ASN D 23 16.29 -15.13 -2.50
C ASN D 23 17.56 -14.31 -2.79
N LYS D 24 17.52 -13.41 -3.75
CA LYS D 24 18.71 -12.61 -4.07
C LYS D 24 19.94 -12.51 -3.17
N ASN D 25 19.79 -11.86 -2.01
CA ASN D 25 20.89 -11.64 -1.08
C ASN D 25 21.45 -12.56 0.01
N SER D 26 21.45 -13.88 -0.19
CA SER D 26 22.00 -14.83 0.81
C SER D 26 21.44 -14.76 2.23
N ILE D 27 20.11 -14.87 2.34
CA ILE D 27 19.45 -14.82 3.65
C ILE D 27 18.92 -16.19 4.08
N HIS D 28 19.21 -16.56 5.33
CA HIS D 28 18.78 -17.83 5.88
C HIS D 28 17.36 -17.76 6.42
N PRO D 29 16.54 -18.79 6.12
CA PRO D 29 15.15 -18.92 6.53
C PRO D 29 14.84 -18.58 7.99
N ASN D 30 15.80 -18.76 8.87
CA ASN D 30 15.59 -18.48 10.28
C ASN D 30 16.17 -17.16 10.79
N ASP D 31 16.65 -16.32 9.88
CA ASP D 31 17.22 -15.04 10.29
C ASP D 31 16.09 -14.15 10.82
N PHE D 32 14.88 -14.38 10.33
CA PHE D 32 13.72 -13.61 10.74
C PHE D 32 12.64 -14.50 11.34
N GLN D 33 13.05 -15.41 12.23
CA GLN D 33 12.11 -16.33 12.86
C GLN D 33 10.99 -15.65 13.65
N ILE D 34 11.33 -14.76 14.57
CA ILE D 34 10.30 -14.09 15.36
C ILE D 34 9.47 -13.16 14.46
N TYR D 35 10.15 -12.34 13.66
CA TYR D 35 9.49 -11.42 12.74
C TYR D 35 8.44 -12.15 11.90
N ASN D 36 8.83 -13.29 11.33
CA ASN D 36 7.89 -14.05 10.50
C ASN D 36 6.90 -14.89 11.28
N SER D 37 7.13 -15.07 12.58
CA SER D 37 6.21 -15.87 13.38
C SER D 37 4.91 -15.13 13.67
N LEU D 38 4.98 -13.80 13.78
CA LEU D 38 3.79 -13.03 14.06
C LEU D 38 2.76 -13.14 12.95
N LYS D 39 1.49 -13.10 13.32
CA LYS D 39 0.41 -13.19 12.36
C LYS D 39 -0.02 -11.79 11.91
N TYR D 40 -0.38 -10.95 12.86
CA TYR D 40 -0.80 -9.60 12.57
C TYR D 40 0.18 -8.60 13.18
N LYS D 41 0.82 -7.83 12.32
CA LYS D 41 1.79 -6.83 12.76
C LYS D 41 1.22 -5.47 12.37
N TYR D 42 0.30 -4.96 13.18
CA TYR D 42 -0.31 -3.67 12.87
C TYR D 42 0.28 -2.45 13.54
N HIS D 43 1.25 -2.66 14.41
CA HIS D 43 1.90 -1.56 15.09
C HIS D 43 2.57 -0.68 14.00
N PRO D 44 2.41 0.65 14.06
CA PRO D 44 2.99 1.56 13.07
C PRO D 44 4.49 1.38 12.81
N GLU D 45 5.24 0.95 13.81
CA GLU D 45 6.68 0.76 13.64
C GLU D 45 6.96 -0.30 12.55
N TYR D 46 6.00 -1.19 12.28
CA TYR D 46 6.20 -2.20 11.24
C TYR D 46 6.33 -1.59 9.85
N GLN D 47 5.89 -0.36 9.67
CA GLN D 47 6.01 0.26 8.37
C GLN D 47 7.52 0.42 8.06
N TYR D 48 8.30 0.79 9.09
CA TYR D 48 9.76 0.98 8.98
C TYR D 48 10.40 -0.42 8.87
N LEU D 49 10.07 -1.28 9.84
CA LEU D 49 10.61 -2.65 9.85
C LEU D 49 10.28 -3.41 8.59
N ASN D 50 9.05 -3.26 8.07
CA ASN D 50 8.72 -4.00 6.85
C ASN D 50 9.54 -3.49 5.67
N ILE D 51 9.84 -2.19 5.67
CA ILE D 51 10.62 -1.67 4.56
C ILE D 51 12.05 -2.27 4.60
N ILE D 52 12.59 -2.41 5.79
CA ILE D 52 13.92 -2.97 5.97
C ILE D 52 13.90 -4.41 5.51
N TYR D 53 12.88 -5.14 5.93
CA TYR D 53 12.77 -6.52 5.54
C TYR D 53 12.68 -6.63 4.03
N ASP D 54 11.89 -5.74 3.41
CA ASP D 54 11.74 -5.77 1.97
C ASP D 54 13.09 -5.51 1.24
N ILE D 55 13.85 -4.55 1.74
CA ILE D 55 15.13 -4.27 1.11
C ILE D 55 16.06 -5.48 1.29
N MET D 56 16.15 -5.99 2.51
CA MET D 56 17.00 -7.14 2.76
C MET D 56 16.67 -8.35 1.86
N MET D 57 15.39 -8.66 1.71
CA MET D 57 14.96 -9.78 0.88
C MET D 57 14.99 -9.52 -0.63
N ASN D 58 14.64 -8.31 -1.05
CA ASN D 58 14.62 -7.98 -2.46
C ASN D 58 15.48 -6.82 -2.92
N GLY D 59 16.21 -6.20 -2.00
CA GLY D 59 17.06 -5.08 -2.39
C GLY D 59 18.03 -5.39 -3.52
N ASN D 60 18.54 -4.33 -4.13
CA ASN D 60 19.48 -4.47 -5.22
C ASN D 60 20.85 -4.16 -4.64
N LYS D 61 21.84 -4.97 -4.99
CA LYS D 61 23.21 -4.76 -4.49
C LYS D 61 23.84 -3.68 -5.31
N GLN D 62 24.36 -2.66 -4.65
CA GLN D 62 24.98 -1.56 -5.35
C GLN D 62 26.15 -1.01 -4.54
N SER D 63 27.10 -0.44 -5.25
CA SER D 63 28.26 0.15 -4.62
C SER D 63 27.80 1.57 -4.32
N ASP D 64 28.54 2.25 -3.45
CA ASP D 64 28.14 3.60 -3.13
C ASP D 64 29.34 4.52 -2.94
N ARG D 65 29.05 5.81 -2.88
CA ARG D 65 30.05 6.84 -2.71
C ARG D 65 31.08 6.51 -1.64
N THR D 66 30.67 5.68 -0.68
CA THR D 66 31.53 5.25 0.44
C THR D 66 32.23 3.89 0.24
N GLY D 67 31.85 3.15 -0.79
CA GLY D 67 32.48 1.87 -1.03
C GLY D 67 32.18 0.91 0.11
N VAL D 68 31.00 1.10 0.71
CA VAL D 68 30.55 0.27 1.81
C VAL D 68 29.61 -0.78 1.22
N GLY D 69 28.88 -0.38 0.18
CA GLY D 69 27.96 -1.29 -0.45
C GLY D 69 26.63 -1.24 0.31
N VAL D 70 25.54 -1.41 -0.41
CA VAL D 70 24.21 -1.39 0.21
C VAL D 70 23.30 -2.26 -0.60
N LEU D 71 22.10 -2.41 -0.06
CA LEU D 71 21.03 -3.17 -0.69
C LEU D 71 20.08 -1.96 -0.81
N SER D 72 19.49 -1.75 -1.96
CA SER D 72 18.61 -0.62 -2.10
C SER D 72 17.38 -0.90 -2.92
N LYS D 73 16.33 -0.15 -2.63
CA LYS D 73 15.05 -0.23 -3.32
C LYS D 73 14.70 1.24 -3.61
N PHE D 74 13.71 1.49 -4.46
CA PHE D 74 13.30 2.83 -4.83
C PHE D 74 11.80 3.15 -4.69
N GLY D 75 11.48 4.12 -3.84
CA GLY D 75 10.09 4.51 -3.64
C GLY D 75 9.19 3.82 -2.64
N TYR D 76 9.04 4.44 -1.48
CA TYR D 76 8.22 3.94 -0.38
C TYR D 76 7.55 5.14 0.31
N ILE D 77 6.48 4.84 1.02
CA ILE D 77 5.77 5.85 1.76
C ILE D 77 5.35 5.26 3.10
N MET D 78 5.51 6.01 4.18
CA MET D 78 5.13 5.57 5.53
C MET D 78 4.25 6.74 6.02
N LYS D 79 3.25 6.44 6.84
CA LYS D 79 2.35 7.45 7.38
C LYS D 79 2.22 7.19 8.85
N PHE D 80 2.39 8.23 9.65
CA PHE D 80 2.28 8.13 11.08
C PHE D 80 1.19 9.10 11.56
N ASP D 81 0.29 8.59 12.40
CA ASP D 81 -0.81 9.38 12.94
C ASP D 81 -0.37 10.11 14.18
N LEU D 82 0.10 11.33 14.02
CA LEU D 82 0.57 12.09 15.16
C LEU D 82 -0.52 12.39 16.20
N SER D 83 -1.80 12.24 15.84
CA SER D 83 -2.86 12.50 16.81
C SER D 83 -2.97 11.36 17.82
N GLN D 84 -2.42 10.19 17.48
CA GLN D 84 -2.47 9.01 18.33
C GLN D 84 -1.20 8.62 19.06
N TYR D 85 -0.05 9.06 18.56
CA TYR D 85 1.24 8.73 19.19
C TYR D 85 2.41 9.51 18.59
N PHE D 86 3.58 9.40 19.24
CA PHE D 86 4.78 10.06 18.73
C PHE D 86 5.60 8.89 18.20
N PRO D 87 5.77 8.82 16.88
CA PRO D 87 6.53 7.69 16.33
C PRO D 87 8.05 7.55 16.61
N LEU D 88 8.45 7.49 17.87
CA LEU D 88 9.87 7.35 18.21
C LEU D 88 10.07 5.83 18.22
N LEU D 89 10.86 5.29 17.30
CA LEU D 89 11.06 3.83 17.28
C LEU D 89 11.37 3.27 18.64
N THR D 90 10.79 2.11 18.94
CA THR D 90 11.00 1.45 20.21
C THR D 90 11.81 0.17 20.11
N THR D 91 12.17 -0.27 18.91
CA THR D 91 12.94 -1.50 18.81
C THR D 91 14.45 -1.36 19.07
N LYS D 92 14.83 -0.14 19.44
CA LYS D 92 16.21 0.21 19.75
C LYS D 92 16.06 1.55 20.43
N LYS D 93 17.08 1.98 21.16
CA LYS D 93 17.00 3.25 21.85
C LYS D 93 17.39 4.43 20.96
N LEU D 94 16.62 5.52 21.07
CA LEU D 94 16.87 6.74 20.31
C LEU D 94 16.86 7.91 21.27
N PHE D 95 17.76 8.87 21.03
CA PHE D 95 17.88 10.07 21.85
C PHE D 95 17.42 11.23 20.98
N LEU D 96 16.85 12.29 21.57
CA LEU D 96 16.40 13.40 20.77
C LEU D 96 16.94 14.82 21.03
N ARG D 97 17.77 15.01 22.05
CA ARG D 97 18.27 16.36 22.30
C ARG D 97 18.96 16.89 21.04
N GLY D 98 19.81 16.06 20.45
CA GLY D 98 20.52 16.43 19.26
C GLY D 98 19.64 16.80 18.06
N ILE D 99 18.67 15.95 17.72
CA ILE D 99 17.85 16.30 16.58
C ILE D 99 16.98 17.56 16.81
N ILE D 100 16.59 17.82 18.06
CA ILE D 100 15.77 19.01 18.33
C ILE D 100 16.66 20.27 18.19
N GLU D 101 17.87 20.22 18.73
CA GLU D 101 18.81 21.36 18.64
C GLU D 101 19.08 21.62 17.14
N GLU D 102 19.20 20.56 16.35
CA GLU D 102 19.44 20.76 14.92
C GLU D 102 18.26 21.52 14.29
N LEU D 103 17.05 21.15 14.70
CA LEU D 103 15.83 21.77 14.21
C LEU D 103 15.77 23.25 14.61
N LEU D 104 16.17 23.54 15.85
CA LEU D 104 16.16 24.92 16.32
C LEU D 104 17.23 25.72 15.54
N TRP D 105 18.37 25.08 15.26
CA TRP D 105 19.48 25.70 14.52
C TRP D 105 18.97 26.00 13.10
N PHE D 106 18.19 25.08 12.51
CA PHE D 106 17.63 25.27 11.15
C PHE D 106 16.69 26.48 11.17
N ILE D 107 15.79 26.51 12.14
CA ILE D 107 14.82 27.61 12.24
C ILE D 107 15.46 28.98 12.42
N ARG D 108 16.62 29.03 13.09
CA ARG D 108 17.29 30.32 13.27
C ARG D 108 17.98 30.72 11.95
N GLY D 109 18.01 29.80 10.97
CA GLY D 109 18.65 30.07 9.70
C GLY D 109 20.18 29.94 9.70
N GLU D 110 20.72 29.24 10.68
CA GLU D 110 22.15 29.07 10.78
C GLU D 110 22.80 28.06 9.84
N THR D 111 24.08 28.31 9.56
CA THR D 111 24.89 27.43 8.70
C THR D 111 26.23 27.16 9.41
N ASN D 112 26.34 27.66 10.64
CA ASN D 112 27.55 27.50 11.46
C ASN D 112 27.59 26.22 12.28
N GLY D 113 28.40 25.27 11.83
CA GLY D 113 28.51 24.01 12.53
C GLY D 113 29.04 24.13 13.96
N ASN D 114 29.85 25.15 14.26
CA ASN D 114 30.39 25.31 15.61
C ASN D 114 29.27 25.46 16.64
N THR D 115 28.16 26.09 16.26
CA THR D 115 27.04 26.27 17.18
C THR D 115 26.56 24.92 17.73
N LEU D 116 26.46 23.91 16.87
CA LEU D 116 26.02 22.60 17.31
C LEU D 116 27.14 21.91 18.08
N LEU D 117 28.36 22.02 17.57
CA LEU D 117 29.48 21.39 18.27
C LEU D 117 29.63 21.85 19.72
N ASN D 118 29.41 23.14 19.98
CA ASN D 118 29.52 23.67 21.34
C ASN D 118 28.44 23.17 22.32
N LYS D 119 27.39 22.54 21.79
CA LYS D 119 26.32 22.00 22.61
C LYS D 119 26.47 20.48 22.55
N ASN D 120 27.62 20.03 22.06
CA ASN D 120 27.92 18.60 21.93
C ASN D 120 26.92 17.83 21.06
N VAL D 121 26.54 18.43 19.94
CA VAL D 121 25.61 17.85 18.96
C VAL D 121 26.56 17.69 17.78
N ARG D 122 26.93 16.45 17.45
CA ARG D 122 27.87 16.18 16.36
C ARG D 122 27.34 15.60 15.07
N ILE D 123 26.08 15.85 14.80
CA ILE D 123 25.42 15.38 13.60
C ILE D 123 26.10 15.86 12.33
N TRP D 124 26.53 17.12 12.31
CA TRP D 124 27.18 17.72 11.16
C TRP D 124 28.71 17.82 11.19
N GLU D 125 29.31 17.34 12.26
CA GLU D 125 30.76 17.39 12.40
C GLU D 125 31.57 16.82 11.22
N ALA D 126 31.29 15.61 10.81
CA ALA D 126 32.03 15.02 9.70
C ALA D 126 31.87 15.80 8.40
N ASN D 127 30.72 16.44 8.21
CA ASN D 127 30.49 17.19 7.00
C ASN D 127 31.19 18.56 7.00
N GLY D 128 31.77 18.95 8.13
CA GLY D 128 32.44 20.24 8.19
C GLY D 128 33.96 20.21 8.37
N THR D 129 34.57 19.04 8.24
CA THR D 129 36.02 18.97 8.41
C THR D 129 36.76 19.50 7.21
N ARG D 130 38.02 19.88 7.47
CA ARG D 130 38.91 20.42 6.43
C ARG D 130 38.92 19.41 5.29
N GLU D 131 39.05 18.14 5.62
CA GLU D 131 39.09 17.04 4.63
C GLU D 131 37.77 16.90 3.83
N PHE D 132 36.63 16.85 4.52
CA PHE D 132 35.36 16.72 3.83
C PHE D 132 35.12 17.90 2.90
N LEU D 133 35.41 19.11 3.36
CA LEU D 133 35.21 20.29 2.51
C LEU D 133 36.13 20.28 1.30
N ASP D 134 37.40 19.94 1.55
CA ASP D 134 38.38 19.86 0.48
C ASP D 134 37.91 18.85 -0.53
N ASN D 135 37.44 17.70 -0.05
CA ASN D 135 36.93 16.66 -0.95
C ASN D 135 35.75 17.16 -1.79
N ARG D 136 35.01 18.14 -1.27
CA ARG D 136 33.87 18.72 -1.96
C ARG D 136 34.35 19.88 -2.83
N LYS D 137 35.66 20.10 -2.86
CA LYS D 137 36.27 21.19 -3.64
C LYS D 137 35.90 22.55 -3.05
N LEU D 138 35.70 22.59 -1.75
CA LEU D 138 35.35 23.83 -1.05
C LEU D 138 36.61 24.24 -0.28
N PHE D 139 37.69 24.39 -1.04
CA PHE D 139 38.99 24.77 -0.52
C PHE D 139 39.01 26.09 0.23
N HIS D 140 38.14 27.03 -0.15
CA HIS D 140 38.09 28.33 0.50
C HIS D 140 36.99 28.51 1.50
N ARG D 141 36.55 27.40 2.08
CA ARG D 141 35.49 27.40 3.07
C ARG D 141 36.09 27.11 4.43
N GLU D 142 35.68 27.86 5.44
CA GLU D 142 36.20 27.62 6.79
C GLU D 142 35.62 26.31 7.35
N VAL D 143 36.41 25.62 8.18
CA VAL D 143 36.00 24.37 8.80
C VAL D 143 34.66 24.68 9.52
N ASN D 144 33.70 23.75 9.40
CA ASN D 144 32.37 23.87 10.00
C ASN D 144 31.45 24.96 9.36
N ASP D 145 31.88 25.59 8.26
CA ASP D 145 31.03 26.59 7.63
C ASP D 145 30.38 25.67 6.58
N LEU D 146 29.21 25.13 6.93
CA LEU D 146 28.50 24.21 6.05
C LEU D 146 27.95 24.73 4.73
N GLY D 147 27.94 26.05 4.54
CA GLY D 147 27.42 26.55 3.29
C GLY D 147 25.93 26.81 3.33
N PRO D 148 25.32 27.15 2.18
CA PRO D 148 23.88 27.43 2.17
C PRO D 148 22.96 26.23 2.26
N ILE D 149 23.02 25.55 3.41
CA ILE D 149 22.21 24.37 3.66
C ILE D 149 20.83 24.75 4.21
N TYR D 150 20.08 23.76 4.71
CA TYR D 150 18.73 23.92 5.26
C TYR D 150 18.34 25.25 5.86
N GLY D 151 18.96 25.59 6.97
CA GLY D 151 18.65 26.86 7.63
C GLY D 151 18.70 28.03 6.69
N PHE D 152 19.75 28.10 5.87
CA PHE D 152 19.88 29.21 4.95
C PHE D 152 18.79 29.22 3.90
N GLN D 153 18.43 28.04 3.39
CA GLN D 153 17.38 27.96 2.36
C GLN D 153 15.98 28.23 2.91
N TRP D 154 15.71 27.79 4.16
CA TRP D 154 14.39 28.00 4.78
C TRP D 154 14.16 29.49 5.08
N ARG D 155 15.23 30.23 5.40
CA ARG D 155 15.12 31.66 5.73
C ARG D 155 15.64 32.66 4.71
N HIS D 156 16.45 32.22 3.75
CA HIS D 156 17.01 33.15 2.75
C HIS D 156 17.19 32.57 1.37
N PHE D 157 16.29 31.68 0.93
CA PHE D 157 16.44 31.08 -0.39
C PHE D 157 16.68 32.14 -1.43
N GLY D 158 17.72 31.93 -2.24
CA GLY D 158 18.08 32.87 -3.29
C GLY D 158 19.11 33.93 -2.90
N ALA D 159 19.32 34.15 -1.62
CA ALA D 159 20.30 35.15 -1.22
C ALA D 159 21.70 34.61 -1.61
N GLU D 160 22.62 35.53 -1.84
CA GLU D 160 23.99 35.20 -2.20
C GLU D 160 24.73 34.73 -0.93
N TYR D 161 25.26 33.52 -0.90
CA TYR D 161 25.98 33.08 0.31
C TYR D 161 27.44 33.55 0.34
N THR D 162 27.86 34.12 1.47
CA THR D 162 29.24 34.59 1.63
C THR D 162 29.90 33.64 2.64
N ASN D 163 29.72 33.86 3.93
CA ASN D 163 30.32 32.98 4.95
C ASN D 163 29.31 32.87 6.11
N MET D 164 29.43 31.85 6.96
CA MET D 164 28.51 31.64 8.10
C MET D 164 28.35 32.75 9.12
N TYR D 165 29.15 33.81 9.04
CA TYR D 165 29.05 34.90 10.00
C TYR D 165 28.39 36.14 9.40
N ASP D 166 28.17 36.15 8.09
CA ASP D 166 27.56 37.33 7.48
C ASP D 166 26.12 37.62 7.94
N ASN D 167 25.66 38.84 7.66
CA ASN D 167 24.31 39.22 8.07
C ASN D 167 23.39 39.07 6.88
N TYR D 168 22.46 38.13 6.96
CA TYR D 168 21.52 37.89 5.88
C TYR D 168 20.10 38.44 6.14
N GLU D 169 19.95 39.25 7.18
CA GLU D 169 18.64 39.82 7.52
C GLU D 169 17.89 40.41 6.34
N ASN D 170 16.74 39.84 6.05
CA ASN D 170 15.88 40.25 4.96
C ASN D 170 16.40 39.99 3.56
N LYS D 171 17.33 39.06 3.45
CA LYS D 171 17.87 38.75 2.14
C LYS D 171 17.29 37.39 1.75
N GLY D 172 16.96 37.22 0.47
CA GLY D 172 16.42 35.96 0.02
C GLY D 172 14.95 35.75 0.43
N VAL D 173 14.43 34.56 0.16
CA VAL D 173 13.04 34.28 0.50
C VAL D 173 12.91 33.52 1.81
N ASP D 174 12.19 34.12 2.76
CA ASP D 174 11.97 33.50 4.07
C ASP D 174 10.78 32.56 3.88
N GLN D 175 11.07 31.34 3.41
CA GLN D 175 10.05 30.31 3.17
C GLN D 175 9.30 29.90 4.41
N LEU D 176 10.04 29.73 5.50
CA LEU D 176 9.42 29.32 6.73
C LEU D 176 8.30 30.28 7.11
N LYS D 177 8.63 31.57 7.10
CA LYS D 177 7.66 32.60 7.43
C LYS D 177 6.47 32.50 6.46
N ASN D 178 6.73 32.36 5.15
CA ASN D 178 5.66 32.25 4.17
C ASN D 178 4.71 31.05 4.36
N ILE D 179 5.24 29.85 4.65
CA ILE D 179 4.35 28.70 4.82
C ILE D 179 3.53 28.88 6.08
N ILE D 180 4.11 29.50 7.10
CA ILE D 180 3.32 29.69 8.31
C ILE D 180 2.17 30.66 7.99
N ASN D 181 2.43 31.72 7.22
CA ASN D 181 1.35 32.63 6.91
C ASN D 181 0.34 31.97 5.98
N LEU D 182 0.80 31.10 5.08
CA LEU D 182 -0.13 30.42 4.18
C LEU D 182 -1.02 29.50 4.97
N ILE D 183 -0.44 28.80 5.93
CA ILE D 183 -1.21 27.89 6.74
C ILE D 183 -2.27 28.63 7.58
N LYS D 184 -1.94 29.83 8.04
CA LYS D 184 -2.87 30.59 8.86
C LYS D 184 -3.96 31.30 8.06
N ASN D 185 -3.58 31.91 6.95
CA ASN D 185 -4.49 32.65 6.10
C ASN D 185 -5.02 32.04 4.82
N ASP D 186 -4.40 30.98 4.32
CA ASP D 186 -4.87 30.36 3.09
C ASP D 186 -4.69 28.85 3.17
N PRO D 187 -5.25 28.25 4.23
CA PRO D 187 -5.15 26.80 4.45
C PRO D 187 -5.50 25.82 3.35
N THR D 188 -6.34 26.21 2.39
CA THR D 188 -6.71 25.28 1.33
C THR D 188 -5.71 25.37 0.17
N SER D 189 -4.70 26.20 0.36
CA SER D 189 -3.67 26.38 -0.65
C SER D 189 -2.96 25.05 -0.94
N ARG D 190 -2.60 24.85 -2.19
CA ARG D 190 -1.91 23.63 -2.60
C ARG D 190 -0.45 23.97 -2.86
N ARG D 191 -0.05 25.12 -2.34
CA ARG D 191 1.32 25.61 -2.51
C ARG D 191 2.08 25.78 -1.25
N ILE D 192 1.64 25.10 -0.21
CA ILE D 192 2.35 25.25 1.04
C ILE D 192 3.52 24.25 1.06
N LEU D 193 4.66 24.71 0.56
CA LEU D 193 5.87 23.87 0.52
C LEU D 193 7.10 24.63 0.96
N LEU D 194 7.98 23.91 1.62
CA LEU D 194 9.24 24.42 2.13
C LEU D 194 10.26 23.54 1.39
N CYS D 195 11.09 24.14 0.52
CA CYS D 195 12.08 23.41 -0.25
C CYS D 195 13.53 23.80 0.10
N ALA D 196 14.39 22.80 0.24
CA ALA D 196 15.78 23.06 0.58
C ALA D 196 16.65 22.72 -0.61
N TRP D 197 16.10 22.07 -1.62
CA TRP D 197 16.90 21.71 -2.78
C TRP D 197 17.04 22.91 -3.68
N ASN D 198 18.01 23.76 -3.38
CA ASN D 198 18.26 24.96 -4.19
C ASN D 198 19.31 24.56 -5.25
N VAL D 199 18.84 24.23 -6.46
CA VAL D 199 19.71 23.81 -7.55
C VAL D 199 20.91 24.72 -7.77
N LYS D 200 20.71 26.03 -7.71
CA LYS D 200 21.82 26.93 -7.91
C LYS D 200 22.92 26.87 -6.85
N ASP D 201 22.55 26.51 -5.61
CA ASP D 201 23.49 26.41 -4.49
C ASP D 201 24.01 25.01 -4.08
N LEU D 202 23.53 23.95 -4.72
CA LEU D 202 23.97 22.61 -4.33
C LEU D 202 25.48 22.44 -4.14
N ASP D 203 26.25 22.84 -5.14
CA ASP D 203 27.71 22.72 -5.06
C ASP D 203 28.39 23.50 -3.95
N GLN D 204 27.74 24.56 -3.44
CA GLN D 204 28.32 25.34 -2.35
C GLN D 204 28.00 24.72 -0.98
N MET D 205 27.10 23.75 -0.95
CA MET D 205 26.73 23.11 0.31
C MET D 205 27.71 21.99 0.73
N ALA D 206 27.94 21.81 2.02
CA ALA D 206 28.85 20.76 2.50
C ALA D 206 28.35 19.52 1.77
N LEU D 207 27.03 19.38 1.68
CA LEU D 207 26.43 18.24 0.97
C LEU D 207 24.98 18.57 0.62
N PRO D 208 24.52 18.12 -0.55
CA PRO D 208 23.14 18.38 -1.00
C PRO D 208 22.12 17.83 0.03
N PRO D 209 21.04 18.55 0.27
CA PRO D 209 20.11 18.01 1.29
C PRO D 209 19.48 16.66 0.99
N CYS D 210 19.28 15.87 2.05
CA CYS D 210 18.65 14.56 1.88
C CYS D 210 17.10 14.82 1.91
N HIS D 211 16.67 15.73 2.77
CA HIS D 211 15.24 16.06 2.93
C HIS D 211 14.91 17.19 1.98
N ILE D 212 14.49 16.80 0.79
CA ILE D 212 14.15 17.72 -0.26
C ILE D 212 13.10 18.81 0.03
N LEU D 213 11.93 18.39 0.44
CA LEU D 213 10.89 19.36 0.72
C LEU D 213 9.86 18.83 1.70
N CYS D 214 9.01 19.73 2.14
CA CYS D 214 7.93 19.47 3.08
C CYS D 214 6.67 20.09 2.47
N GLN D 215 5.59 19.33 2.34
CA GLN D 215 4.39 19.94 1.81
C GLN D 215 3.39 19.82 2.97
N PHE D 216 2.56 20.85 3.16
CA PHE D 216 1.59 20.84 4.23
C PHE D 216 0.17 20.78 3.68
N TYR D 217 -0.72 20.22 4.50
CA TYR D 217 -2.12 20.04 4.19
C TYR D 217 -2.92 20.37 5.44
N VAL D 218 -3.99 21.13 5.27
CA VAL D 218 -4.82 21.51 6.41
C VAL D 218 -6.29 21.23 6.13
N PHE D 219 -6.97 20.63 7.10
CA PHE D 219 -8.39 20.33 6.97
C PHE D 219 -8.97 20.15 8.37
N ASP D 220 -10.16 20.72 8.57
CA ASP D 220 -10.85 20.63 9.85
C ASP D 220 -9.97 20.92 11.05
N GLY D 221 -9.23 22.02 10.99
CA GLY D 221 -8.36 22.39 12.10
C GLY D 221 -7.22 21.42 12.33
N LYS D 222 -6.87 20.61 11.32
CA LYS D 222 -5.77 19.65 11.49
C LYS D 222 -4.68 19.81 10.44
N LEU D 223 -3.43 19.61 10.85
CA LEU D 223 -2.29 19.73 9.95
C LEU D 223 -1.52 18.44 9.64
N SER D 224 -1.31 18.21 8.36
CA SER D 224 -0.59 17.04 7.88
C SER D 224 0.61 17.56 7.08
N CYS D 225 1.66 16.74 7.09
CA CYS D 225 2.92 17.05 6.41
C CYS D 225 3.54 15.87 5.67
N ILE D 226 3.99 16.13 4.47
CA ILE D 226 4.64 15.13 3.64
C ILE D 226 6.11 15.61 3.51
N MET D 227 7.04 14.70 3.71
CA MET D 227 8.44 15.09 3.56
C MET D 227 9.06 14.10 2.58
N TYR D 228 9.61 14.62 1.49
CA TYR D 228 10.25 13.80 0.47
C TYR D 228 11.76 13.72 0.75
N GLN D 229 12.24 12.50 0.91
CA GLN D 229 13.65 12.24 1.20
C GLN D 229 14.30 11.48 0.02
N ARG D 230 15.29 12.09 -0.62
CA ARG D 230 15.94 11.47 -1.76
C ARG D 230 16.90 10.31 -1.48
N SER D 231 17.44 10.28 -0.27
CA SER D 231 18.38 9.22 0.09
C SER D 231 18.09 8.88 1.52
N CYS D 232 17.83 7.60 1.76
CA CYS D 232 17.51 7.19 3.11
C CYS D 232 18.32 6.02 3.63
N ASP D 233 19.14 6.29 4.63
CA ASP D 233 19.96 5.28 5.26
C ASP D 233 18.98 4.69 6.27
N LEU D 234 18.34 3.61 5.88
CA LEU D 234 17.38 2.97 6.75
C LEU D 234 17.85 2.59 8.13
N GLY D 235 19.08 2.08 8.22
CA GLY D 235 19.59 1.68 9.51
C GLY D 235 19.90 2.75 10.53
N LEU D 236 20.50 3.85 10.11
CA LEU D 236 20.82 4.93 11.05
C LEU D 236 20.10 6.25 10.93
N GLY D 237 19.93 6.70 9.69
CA GLY D 237 19.28 7.97 9.46
C GLY D 237 17.77 8.08 9.59
N VAL D 238 17.06 7.19 8.90
CA VAL D 238 15.60 7.21 8.93
C VAL D 238 14.93 7.27 10.31
N PRO D 239 15.43 6.50 11.31
CA PRO D 239 14.75 6.59 12.63
C PRO D 239 14.72 8.02 13.18
N PHE D 240 15.82 8.75 13.01
CA PHE D 240 15.94 10.13 13.47
C PHE D 240 15.10 11.04 12.59
N ASN D 241 15.16 10.80 11.28
CA ASN D 241 14.42 11.60 10.32
C ASN D 241 12.91 11.61 10.66
N ILE D 242 12.35 10.43 10.87
CA ILE D 242 10.94 10.32 11.21
C ILE D 242 10.67 11.23 12.41
N ALA D 243 11.53 11.12 13.43
CA ALA D 243 11.39 11.92 14.65
C ALA D 243 11.47 13.43 14.41
N SER D 244 12.49 13.87 13.66
CA SER D 244 12.68 15.30 13.35
C SER D 244 11.45 15.95 12.73
N TYR D 245 10.99 15.39 11.62
CA TYR D 245 9.85 15.97 10.96
C TYR D 245 8.53 15.77 11.70
N SER D 246 8.45 14.79 12.58
CA SER D 246 7.21 14.60 13.32
C SER D 246 7.21 15.76 14.34
N ILE D 247 8.36 16.03 14.97
CA ILE D 247 8.43 17.12 15.93
C ILE D 247 8.14 18.43 15.20
N PHE D 248 8.82 18.63 14.07
CA PHE D 248 8.62 19.84 13.27
C PHE D 248 7.12 20.04 12.96
N THR D 249 6.42 18.96 12.59
CA THR D 249 4.98 19.08 12.28
C THR D 249 4.23 19.57 13.51
N HIS D 250 4.61 19.07 14.68
CA HIS D 250 3.97 19.49 15.94
C HIS D 250 4.21 20.98 16.15
N MET D 251 5.44 21.40 15.93
CA MET D 251 5.80 22.82 16.11
C MET D 251 4.99 23.73 15.19
N ILE D 252 4.97 23.42 13.89
CA ILE D 252 4.22 24.25 12.98
C ILE D 252 2.72 24.28 13.33
N ALA D 253 2.14 23.13 13.66
CA ALA D 253 0.73 23.06 14.01
C ALA D 253 0.45 23.99 15.17
N GLN D 254 1.19 23.80 16.25
CA GLN D 254 1.01 24.60 17.43
C GLN D 254 1.03 26.11 17.15
N VAL D 255 2.04 26.62 16.46
CA VAL D 255 2.08 28.06 16.19
C VAL D 255 1.01 28.55 15.25
N CYS D 256 0.29 27.61 14.62
CA CYS D 256 -0.77 28.02 13.71
C CYS D 256 -2.12 27.69 14.32
N ASN D 257 -2.11 27.30 15.59
CA ASN D 257 -3.33 26.96 16.33
C ASN D 257 -4.07 25.81 15.68
N LEU D 258 -3.32 24.78 15.31
CA LEU D 258 -3.93 23.60 14.68
C LEU D 258 -3.48 22.36 15.41
N GLN D 259 -4.12 21.25 15.11
CA GLN D 259 -3.75 20.01 15.77
C GLN D 259 -3.00 19.15 14.74
N PRO D 260 -1.92 18.49 15.19
CA PRO D 260 -1.21 17.66 14.22
C PRO D 260 -2.00 16.42 13.84
N ALA D 261 -1.90 16.01 12.58
CA ALA D 261 -2.59 14.84 12.12
C ALA D 261 -1.55 13.84 11.63
N GLN D 262 -1.31 13.82 10.33
CA GLN D 262 -0.35 12.88 9.79
C GLN D 262 1.01 13.40 9.30
N PHE D 263 2.03 12.58 9.53
CA PHE D 263 3.38 12.90 9.07
C PHE D 263 3.53 11.79 8.02
N ILE D 264 3.68 12.18 6.76
CA ILE D 264 3.83 11.22 5.66
C ILE D 264 5.28 11.35 5.13
N HIS D 265 5.99 10.23 5.20
CA HIS D 265 7.39 10.14 4.79
C HIS D 265 7.53 9.40 3.48
N VAL D 266 7.97 10.12 2.43
CA VAL D 266 8.16 9.51 1.12
C VAL D 266 9.67 9.31 0.95
N LEU D 267 10.07 8.08 0.66
CA LEU D 267 11.47 7.71 0.48
C LEU D 267 11.81 7.45 -0.97
N GLY D 268 12.88 8.09 -1.45
CA GLY D 268 13.31 7.90 -2.83
C GLY D 268 14.26 6.69 -2.81
N ASN D 269 15.57 6.97 -2.77
CA ASN D 269 16.55 5.89 -2.75
C ASN D 269 16.63 5.41 -1.30
N ALA D 270 16.04 4.25 -1.03
CA ALA D 270 16.03 3.67 0.31
C ALA D 270 17.06 2.55 0.32
N HIS D 271 18.03 2.68 1.21
CA HIS D 271 19.08 1.68 1.30
C HIS D 271 19.53 1.27 2.67
N VAL D 272 20.03 0.05 2.73
CA VAL D 272 20.54 -0.53 3.98
C VAL D 272 22.05 -0.78 3.76
N TYR D 273 22.88 -0.26 4.65
CA TYR D 273 24.31 -0.49 4.47
C TYR D 273 24.68 -1.91 4.88
N ASN D 274 25.54 -2.54 4.07
CA ASN D 274 25.96 -3.92 4.33
C ASN D 274 26.46 -4.10 5.74
N ASN D 275 27.09 -3.06 6.28
CA ASN D 275 27.61 -3.16 7.64
C ASN D 275 26.52 -3.07 8.70
N HIS D 276 25.29 -2.81 8.28
CA HIS D 276 24.17 -2.70 9.22
C HIS D 276 23.29 -3.95 9.20
N ILE D 277 23.47 -4.80 8.20
CA ILE D 277 22.65 -6.00 8.11
C ILE D 277 22.50 -6.85 9.38
N ASP D 278 23.60 -7.17 10.04
CA ASP D 278 23.48 -7.99 11.24
C ASP D 278 22.68 -7.33 12.34
N SER D 279 22.96 -6.06 12.62
CA SER D 279 22.24 -5.35 13.66
C SER D 279 20.72 -5.26 13.36
N LEU D 280 20.36 -5.09 12.09
CA LEU D 280 18.94 -4.99 11.73
C LEU D 280 18.21 -6.33 11.85
N LYS D 281 18.95 -7.45 11.73
CA LYS D 281 18.34 -8.77 11.85
C LYS D 281 17.90 -8.90 13.31
N ILE D 282 18.79 -8.48 14.20
CA ILE D 282 18.50 -8.52 15.61
C ILE D 282 17.25 -7.65 15.85
N GLN D 283 17.29 -6.42 15.37
CA GLN D 283 16.17 -5.49 15.53
C GLN D 283 14.80 -5.93 14.96
N LEU D 284 14.80 -6.57 13.81
CA LEU D 284 13.54 -7.01 13.22
C LEU D 284 12.83 -8.15 14.00
N ASN D 285 13.55 -8.79 14.92
CA ASN D 285 12.97 -9.87 15.70
C ASN D 285 12.59 -9.40 17.07
N ARG D 286 12.51 -8.09 17.21
CA ARG D 286 12.13 -7.48 18.47
C ARG D 286 10.70 -6.96 18.26
N ILE D 287 9.88 -7.08 19.28
CA ILE D 287 8.50 -6.61 19.15
C ILE D 287 8.34 -5.25 19.78
N PRO D 288 7.82 -4.29 19.00
CA PRO D 288 7.59 -2.91 19.44
C PRO D 288 6.69 -2.79 20.65
N TYR D 289 6.90 -1.71 21.41
CA TYR D 289 6.14 -1.40 22.62
C TYR D 289 5.26 -0.24 22.18
N PRO D 290 4.19 0.05 22.93
CA PRO D 290 3.40 1.18 22.46
C PRO D 290 4.26 2.43 22.44
N PHE D 291 4.06 3.27 21.44
CA PHE D 291 4.81 4.51 21.28
C PHE D 291 4.63 5.52 22.41
N PRO D 292 5.59 6.46 22.55
CA PRO D 292 5.48 7.49 23.57
C PRO D 292 4.64 8.62 22.99
N THR D 293 4.59 9.74 23.69
CA THR D 293 3.84 10.90 23.24
C THR D 293 4.80 12.09 23.39
N LEU D 294 4.58 13.14 22.63
CA LEU D 294 5.41 14.33 22.69
C LEU D 294 4.62 15.51 23.22
N LYS D 295 5.19 16.24 24.17
CA LYS D 295 4.50 17.38 24.74
C LYS D 295 5.34 18.63 24.49
N LEU D 296 4.69 19.68 24.03
CA LEU D 296 5.38 20.94 23.76
C LEU D 296 4.82 21.96 24.75
N ASN D 297 5.66 22.90 25.18
CA ASN D 297 5.23 23.92 26.12
C ASN D 297 4.16 24.70 25.32
N PRO D 298 2.92 24.76 25.85
CA PRO D 298 1.75 25.43 25.26
C PRO D 298 1.88 26.94 25.12
N ASP D 299 2.85 27.54 25.82
CA ASP D 299 3.03 29.00 25.73
C ASP D 299 3.72 29.48 24.44
N ILE D 300 4.51 28.62 23.81
CA ILE D 300 5.20 29.00 22.58
C ILE D 300 4.20 29.21 21.45
N LYS D 301 4.06 30.45 20.99
CA LYS D 301 3.14 30.81 19.92
C LYS D 301 3.82 31.19 18.60
N ASN D 302 5.14 31.29 18.60
CA ASN D 302 5.84 31.65 17.38
C ASN D 302 6.93 30.62 17.12
N ILE D 303 7.06 30.20 15.87
CA ILE D 303 8.04 29.20 15.45
C ILE D 303 9.46 29.52 15.95
N GLU D 304 9.76 30.80 16.08
CA GLU D 304 11.07 31.25 16.54
C GLU D 304 11.35 31.24 18.04
N ASP D 305 10.32 31.03 18.86
CA ASP D 305 10.52 31.03 20.32
C ASP D 305 10.78 29.72 21.03
N PHE D 306 10.80 28.61 20.31
CA PHE D 306 11.04 27.33 20.97
C PHE D 306 12.49 27.24 21.41
N THR D 307 12.69 26.64 22.59
CA THR D 307 14.03 26.45 23.14
C THR D 307 14.06 24.98 23.51
N ILE D 308 15.24 24.43 23.74
CA ILE D 308 15.34 23.00 24.08
C ILE D 308 14.45 22.52 25.25
N SER D 309 14.20 23.36 26.25
CA SER D 309 13.37 22.90 27.35
C SER D 309 11.88 22.86 27.08
N ASP D 310 11.47 23.34 25.90
CA ASP D 310 10.05 23.34 25.54
C ASP D 310 9.53 22.01 25.00
N PHE D 311 10.37 20.97 25.03
CA PHE D 311 9.98 19.66 24.53
C PHE D 311 10.08 18.53 25.55
N THR D 312 9.10 17.65 25.55
CA THR D 312 9.16 16.53 26.48
C THR D 312 8.60 15.26 25.86
N ILE D 313 9.39 14.20 25.93
CA ILE D 313 8.97 12.92 25.40
C ILE D 313 8.48 12.12 26.61
N GLN D 314 7.22 11.72 26.57
CA GLN D 314 6.69 10.95 27.70
C GLN D 314 6.39 9.50 27.44
N ASN D 315 6.65 8.70 28.46
CA ASN D 315 6.40 7.27 28.43
C ASN D 315 7.10 6.51 27.33
N TYR D 316 8.38 6.82 27.16
CA TYR D 316 9.16 6.15 26.16
C TYR D 316 9.63 4.81 26.74
N VAL D 317 9.13 3.72 26.18
CA VAL D 317 9.48 2.38 26.59
C VAL D 317 10.17 1.86 25.34
N HIS D 318 11.38 1.31 25.50
CA HIS D 318 12.12 0.82 24.34
C HIS D 318 13.02 -0.37 24.65
N HIS D 319 13.51 -1.01 23.58
CA HIS D 319 14.40 -2.14 23.71
C HIS D 319 15.80 -1.54 23.93
N GLU D 320 16.80 -2.37 24.18
CA GLU D 320 18.13 -1.80 24.40
C GLU D 320 18.76 -1.29 23.12
N LYS D 321 19.70 -0.36 23.31
CA LYS D 321 20.41 0.25 22.21
C LYS D 321 21.15 -0.76 21.37
N ILE D 322 21.29 -0.42 20.10
CA ILE D 322 21.98 -1.24 19.13
C ILE D 322 22.95 -0.31 18.41
N SER D 323 24.20 -0.73 18.28
CA SER D 323 25.19 0.09 17.59
C SER D 323 25.21 -0.50 16.20
N MET D 324 24.81 0.25 15.19
CA MET D 324 24.79 -0.25 13.82
C MET D 324 26.09 -0.29 13.02
N ASP D 325 27.07 0.56 13.34
CA ASP D 325 28.33 0.59 12.59
C ASP D 325 29.36 -0.54 12.58
N MET D 326 28.97 -1.72 13.04
CA MET D 326 29.85 -2.89 13.09
C MET D 326 29.37 -3.82 11.95
N ALA D 327 30.14 -3.88 10.86
CA ALA D 327 29.84 -4.70 9.66
C ALA D 327 30.05 -6.20 9.71
N ALA D 328 29.61 -6.84 8.63
CA ALA D 328 29.70 -8.30 8.39
C ALA D 328 28.81 -8.81 7.24
C1 WRA E . -4.33 -21.44 -25.74
N2 WRA E . -4.43 -20.43 -24.66
C3 WRA E . -5.56 -20.27 -23.96
N4 WRA E . -6.66 -21.05 -24.22
C5 WRA E . -6.60 -22.13 -25.04
N6 WRA E . -5.41 -22.49 -25.64
O7 WRA E . -5.29 -23.59 -26.63
C8 WRA E . -5.77 -24.99 -26.32
C9 WRA E . -5.75 -25.77 -27.70
C10 WRA E . -4.33 -25.46 -28.41
O11 WRA E . -3.26 -25.88 -27.47
C12 WRA E . -1.90 -25.73 -27.93
C13 WRA E . -0.83 -26.19 -27.05
C14 WRA E . 0.55 -26.04 -27.42
C15 WRA E . 0.90 -25.44 -28.68
C16 WRA E . -0.16 -24.97 -29.60
C17 WRA E . -1.56 -25.13 -29.22
CM1 WRA E . -2.95 -22.13 -25.71
CM2 WRA E . -4.47 -20.73 -27.12
NH1 WRA E . -5.62 -19.34 -23.00
NH2 WRA E . -7.70 -22.83 -25.25
CL1 WRA E . -1.22 -26.90 -25.52
CL2 WRA E . 2.62 -25.26 -29.09
CL3 WRA E . 0.23 -24.22 -31.16
PA NDP F . -12.57 -27.41 -33.57
O1A NDP F . -13.60 -26.85 -32.74
O2A NDP F . -11.17 -27.66 -33.10
O5B NDP F . -13.25 -28.84 -34.13
C5B NDP F . -14.66 -28.88 -34.54
C4B NDP F . -14.59 -30.19 -35.33
O4B NDP F . -14.24 -31.09 -34.13
C3B NDP F . -15.79 -30.87 -35.95
O3B NDP F . -15.52 -30.88 -37.37
C2B NDP F . -15.70 -32.32 -35.38
O2B NDP F . -14.70 -33.24 -35.86
C1B NDP F . -15.40 -32.06 -34.04
N9A NDP F . -16.65 -31.67 -33.22
C8A NDP F . -17.09 -30.42 -32.69
N7A NDP F . -18.21 -30.54 -32.06
C5A NDP F . -18.58 -31.80 -32.12
C6A NDP F . -19.72 -32.55 -31.63
N6A NDP F . -20.68 -31.97 -30.95
N1A NDP F . -19.80 -33.91 -31.88
C2A NDP F . -18.79 -34.54 -32.62
N3A NDP F . -17.70 -33.93 -33.12
C4A NDP F . -17.65 -32.54 -32.84
O3 NDP F . -12.55 -26.70 -34.88
PN NDP F . -12.37 -25.19 -35.40
O1N NDP F . -12.08 -25.18 -36.86
O2N NDP F . -13.63 -24.58 -34.85
O5D NDP F . -11.16 -24.33 -34.78
C5D NDP F . -9.84 -24.96 -34.67
C4D NDP F . -8.92 -23.65 -34.69
O4D NDP F . -9.15 -22.79 -33.62
C3D NDP F . -7.47 -23.77 -34.82
O3D NDP F . -7.14 -22.65 -35.74
C2D NDP F . -6.86 -23.63 -33.53
O2D NDP F . -5.53 -23.17 -33.76
C1D NDP F . -7.80 -22.54 -32.97
N1N NDP F . -7.91 -22.67 -31.50
C2N NDP F . -7.78 -21.44 -30.85
C3N NDP F . -7.89 -21.41 -29.40
C7N NDP F . -7.77 -20.10 -28.71
O7N NDP F . -7.88 -19.95 -27.49
N7N NDP F . -7.53 -18.98 -29.44
C4N NDP F . -8.13 -22.65 -28.70
C5N NDP F . -8.25 -23.90 -29.38
C6N NDP F . -8.14 -23.90 -30.80
P2B NDP F . -14.63 -34.15 -37.05
O1X NDP F . -14.69 -33.36 -38.30
O2X NDP F . -13.98 -35.35 -36.89
O3X NDP F . -16.06 -34.70 -36.97
C1 WRA G . -10.89 -4.41 31.44
N2 WRA G . -10.15 -4.51 30.17
C3 WRA G . -9.54 -5.63 29.80
N4 WRA G . -9.57 -6.74 30.58
C5 WRA G . -10.40 -6.83 31.67
N6 WRA G . -11.24 -5.75 32.00
O7 WRA G . -12.05 -5.71 33.22
C8 WRA G . -12.95 -6.86 33.56
C9 WRA G . -13.35 -6.68 35.09
C10 WRA G . -13.72 -5.15 35.33
O11 WRA G . -14.78 -4.74 34.38
C12 WRA G . -15.24 -3.41 34.54
C13 WRA G . -16.31 -2.92 33.67
C14 WRA G . -16.80 -1.56 33.77
C15 WRA G . -16.22 -0.63 34.75
C16 WRA G . -15.15 -1.11 35.64
C17 WRA G . -14.67 -2.49 35.53
CM1 WRA G . -12.17 -3.61 31.21
CM2 WRA G . -10.02 -3.67 32.47
NH1 WRA G . -8.90 -5.65 28.68
NH2 WRA G . -10.39 -7.92 32.38
CL1 WRA G . -17.03 -4.00 32.47
CL2 WRA G . -16.85 1.04 34.83
CL3 WRA G . -14.39 -0.03 36.87
PA NDP H . -9.96 -11.07 42.45
O1A NDP H . -9.39 -12.05 41.46
O2A NDP H . -10.71 -9.97 41.87
O5B NDP H . -10.92 -12.17 43.26
C5B NDP H . -10.56 -13.55 43.52
C4B NDP H . -11.49 -13.97 44.68
O4B NDP H . -11.83 -15.21 44.06
C3B NDP H . -11.06 -14.33 46.15
O3B NDP H . -11.24 -13.31 47.23
C2B NDP H . -11.96 -15.51 46.33
O2B NDP H . -13.36 -15.37 46.78
C1B NDP H . -11.92 -16.09 45.00
N9A NDP H . -10.86 -17.17 44.81
C8A NDP H . -9.40 -17.16 45.08
N7A NDP H . -8.84 -18.32 44.79
C5A NDP H . -9.84 -19.13 44.31
C6A NDP H . -9.92 -20.50 43.86
N6A NDP H . -8.81 -21.28 43.85
N1A NDP H . -11.14 -21.01 43.43
C2A NDP H . -12.29 -20.22 43.46
N3A NDP H . -12.34 -18.92 43.88
C4A NDP H . -11.08 -18.43 44.32
O3 NDP H . -8.95 -10.48 43.49
PN NDP H . -7.66 -9.69 43.40
O1N NDP H . -7.34 -8.99 44.69
O2N NDP H . -6.78 -10.63 42.85
O5D NDP H . -7.73 -8.40 42.28
C5D NDP H . -8.95 -7.53 42.26
C4D NDP H . -8.44 -6.07 41.61
O4D NDP H . -7.84 -6.25 40.33
C3D NDP H . -9.45 -4.88 41.40
O3D NDP H . -8.63 -3.69 41.74
C2D NDP H . -9.87 -4.87 40.05
O2D NDP H . -10.30 -3.57 39.70
C1D NDP H . -8.51 -5.31 39.37
N1N NDP H . -8.87 -5.98 38.08
C2N NDP H . -8.04 -5.61 36.98
C3N NDP H . -8.34 -6.21 35.66
C7N NDP H . -7.49 -5.86 34.48
O7N NDP H . -7.67 -6.31 33.36
N7N NDP H . -6.47 -4.98 34.61
C4N NDP H . -9.44 -7.15 35.56
C5N NDP H . -10.24 -7.51 36.67
C6N NDP H . -9.96 -6.93 37.92
P2B NDP H . -13.90 -15.23 48.27
O1X NDP H . -12.77 -14.82 49.19
O2X NDP H . -15.26 -15.01 48.47
O3X NDP H . -13.87 -16.73 48.63
N1 UMP I . -2.79 20.19 -12.46
C2 UMP I . -2.55 18.78 -12.62
N3 UMP I . -1.49 18.49 -13.51
C4 UMP I . -0.70 19.43 -14.23
C5 UMP I . -1.03 20.85 -14.00
C6 UMP I . -2.07 21.16 -13.12
O2 UMP I . -3.15 17.86 -12.08
O4 UMP I . 0.18 19.07 -14.99
C1' UMP I . -3.85 20.78 -11.58
C2' UMP I . -3.78 20.62 -10.04
C3' UMP I . -4.63 21.81 -9.51
C4' UMP I . -4.40 23.00 -10.48
O3' UMP I . -6.04 21.40 -9.60
O4' UMP I . -4.02 22.28 -11.70
C5' UMP I . -3.19 23.87 -10.08
O5' UMP I . -3.58 24.84 -9.04
P UMP I . -2.83 24.97 -7.73
OP1 UMP I . -3.53 25.85 -6.81
OP2 UMP I . -2.80 23.62 -7.16
OP3 UMP I . -1.51 25.51 -7.98
N1 UMP J . 21.05 10.35 5.59
C2 UMP J . 19.78 9.98 6.16
N3 UMP J . 19.20 11.00 6.95
C4 UMP J . 19.74 12.30 7.20
C5 UMP J . 21.03 12.57 6.58
C6 UMP J . 21.62 11.57 5.80
O2 UMP J . 19.20 8.89 6.02
O4 UMP J . 19.17 13.12 7.89
C1' UMP J . 21.92 9.47 4.72
C2' UMP J . 21.51 9.06 3.30
C3' UMP J . 22.83 8.59 2.67
C4' UMP J . 23.92 9.56 3.16
O3' UMP J . 23.15 7.24 3.18
O4' UMP J . 23.30 10.00 4.43
C5' UMP J . 24.09 10.77 2.24
O5' UMP J . 24.64 10.30 0.97
P UMP J . 24.22 10.81 -0.40
OP1 UMP J . 25.16 10.47 -1.41
OP2 UMP J . 22.97 10.16 -0.66
OP3 UMP J . 24.11 12.25 -0.36
#